data_6IBL
#
_entry.id   6IBL
#
_cell.length_a   116.650
_cell.length_b   121.120
_cell.length_c   129.840
_cell.angle_alpha   90.00
_cell.angle_beta   90.00
_cell.angle_gamma   90.00
#
_symmetry.space_group_name_H-M   'P 21 21 21'
#
loop_
_entity.id
_entity.type
_entity.pdbx_description
1 polymer 'Thioredoxin 1,Beta-1 adrenergic receptor'
2 polymer 'Camelid antibody fragment Nb80'
3 non-polymer ~{N}-[5-[(1~{R})-2-[[(2~{R})-1-(4-methoxyphenyl)propan-2-yl]amino]-1-oxidanyl-ethyl]-2-oxidanyl-phenyl]methanamide
4 non-polymer 'SODIUM ION'
5 non-polymer HEGA-10
6 water water
#
loop_
_entity_poly.entity_id
_entity_poly.type
_entity_poly.pdbx_seq_one_letter_code
_entity_poly.pdbx_strand_id
1 'polypeptide(L)'
;SDKIIHLTDDSFDTDVLKADGAILVDFWAEWSGPSKMIAPILDEIADEYQGKLTVAKLNIDQNPGTAPKYGIRGIPTLLL
FKNGEVAATKVGALSKGQLKEFLDANLAEAAAKVMSLLMALVVLLIVAGNVLVIAAIGSTQRLQTLTNLFITSLACADLV
VGLLVVPFGATLVVRGTWLWGSFLCELWTSLDVLCVTASIETLCVIAIDRYLAITSPFRYQSLMTRARAKVIICTVWAIS
ALVSFLPIMMHWWRDEDPQALKCYQDPGCCDFVTNRAYAIASSIISFYIPLLIMIFVYLRVYREAKEQIRKIDRASKRKT
SRVMAMKEHKALKTLGIIMGVFTLCWLPFFLVNIVNVFNRDLVPDWLFVAFNWLGYANSAMNPIIYCRSPDFRKAFKRLL
AFPRKADRRLHHHHHH
;
A,B
2 'polypeptide(L)'
;SQVQLQESGGGLVQAGGSLRLSCAASGSIFSINTMGWYRQAPGKQRELVAAIHSGGSTNYANSVKGRFTISRDNAANTVY
LQMNSLKPEDTAVYYCNVKDYGAVLYEYDYWGQGTQVTVSS
;
C,D
#
loop_
_chem_comp.id
_chem_comp.type
_chem_comp.name
_chem_comp.formula
2CV non-polymer HEGA-10 'C18 H37 N O7'
H98 non-polymer ~{N}-[5-[(1~{R})-2-[[(2~{R})-1-(4-methoxyphenyl)propan-2-yl]amino]-1-oxidanyl-ethyl]-2-oxidanyl-phenyl]methanamide 'C19 H24 N2 O4'
NA non-polymer 'SODIUM ION' 'Na 1'
#
# COMPACT_ATOMS: atom_id res chain seq x y z
N LYS A 3 38.13 15.97 47.32
CA LYS A 3 36.74 15.38 47.25
C LYS A 3 36.75 13.98 46.57
N ILE A 4 37.70 13.71 45.67
CA ILE A 4 37.85 12.41 44.94
C ILE A 4 38.50 11.38 45.87
N ILE A 5 37.88 10.19 46.01
CA ILE A 5 38.47 8.99 46.70
C ILE A 5 39.47 8.35 45.76
N HIS A 6 40.61 7.90 46.29
CA HIS A 6 41.72 7.20 45.57
C HIS A 6 41.76 5.75 46.08
N LEU A 7 41.03 4.87 45.39
CA LEU A 7 40.71 3.46 45.79
C LEU A 7 41.99 2.61 45.78
N THR A 8 42.01 1.51 46.54
CA THR A 8 42.96 0.36 46.38
C THR A 8 42.12 -0.90 46.09
N ASP A 9 42.76 -2.08 46.07
CA ASP A 9 42.09 -3.41 45.90
C ASP A 9 41.41 -3.80 47.21
N ASP A 10 42.10 -3.64 48.35
CA ASP A 10 41.62 -3.97 49.72
C ASP A 10 40.42 -3.08 50.12
N SER A 11 40.56 -1.76 49.96
CA SER A 11 39.57 -0.74 50.39
C SER A 11 38.32 -0.72 49.48
N PHE A 12 38.34 -1.42 48.35
CA PHE A 12 37.30 -1.33 47.28
C PHE A 12 35.91 -1.71 47.83
N ASP A 13 35.82 -2.78 48.63
CA ASP A 13 34.52 -3.25 49.18
C ASP A 13 33.95 -2.18 50.13
N THR A 14 34.80 -1.56 50.96
CA THR A 14 34.39 -0.55 51.98
C THR A 14 34.09 0.81 51.32
N ASP A 15 34.91 1.22 50.35
CA ASP A 15 34.85 2.58 49.72
C ASP A 15 33.75 2.68 48.66
N VAL A 16 33.30 1.56 48.07
CA VAL A 16 32.50 1.51 46.81
C VAL A 16 31.24 0.63 46.99
N LEU A 17 31.38 -0.64 47.38
CA LEU A 17 30.24 -1.60 47.51
C LEU A 17 29.43 -1.29 48.78
N LYS A 18 30.10 -1.03 49.91
CA LYS A 18 29.47 -0.61 51.18
C LYS A 18 29.31 0.92 51.24
N ALA A 19 29.52 1.67 50.15
CA ALA A 19 29.54 3.15 50.14
C ALA A 19 28.12 3.70 50.26
N ASP A 20 27.93 4.74 51.08
CA ASP A 20 26.66 5.49 51.22
C ASP A 20 26.34 6.17 49.88
N GLY A 21 25.16 5.90 49.32
CA GLY A 21 24.62 6.60 48.13
C GLY A 21 25.35 6.20 46.85
N ALA A 22 25.35 7.13 45.88
CA ALA A 22 25.87 6.96 44.50
C ALA A 22 27.37 7.29 44.46
N ILE A 23 28.17 6.42 43.84
CA ILE A 23 29.65 6.58 43.70
C ILE A 23 30.08 6.21 42.27
N LEU A 24 30.71 7.15 41.57
CA LEU A 24 31.23 7.00 40.18
C LEU A 24 32.69 6.54 40.24
N VAL A 25 32.97 5.29 39.84
CA VAL A 25 34.33 4.67 39.82
C VAL A 25 34.94 4.92 38.43
N ASP A 26 36.11 5.58 38.37
CA ASP A 26 36.96 5.74 37.16
C ASP A 26 38.11 4.73 37.23
N PHE A 27 38.20 3.84 36.23
CA PHE A 27 39.37 2.96 35.98
C PHE A 27 40.26 3.66 34.95
N TRP A 28 41.49 4.02 35.36
CA TRP A 28 42.46 4.83 34.57
C TRP A 28 43.84 4.17 34.66
N ALA A 29 44.76 4.60 33.79
CA ALA A 29 46.19 4.18 33.77
C ALA A 29 47.06 5.39 33.39
N GLU A 30 48.32 5.38 33.84
CA GLU A 30 49.30 6.48 33.59
C GLU A 30 49.74 6.48 32.12
N TRP A 31 49.71 5.32 31.46
CA TRP A 31 50.06 5.12 30.02
C TRP A 31 48.91 5.52 29.09
N SER A 32 47.64 5.46 29.55
CA SER A 32 46.42 5.67 28.73
C SER A 32 46.16 7.18 28.55
N GLY A 33 46.25 7.66 27.30
CA GLY A 33 46.06 9.08 26.92
C GLY A 33 44.61 9.56 27.08
N PRO A 34 43.59 8.76 26.66
CA PRO A 34 42.19 9.05 27.01
C PRO A 34 41.82 9.09 28.51
N SER A 35 42.62 8.49 29.40
CA SER A 35 42.42 8.52 30.88
C SER A 35 42.94 9.83 31.48
N LYS A 36 44.01 10.41 30.91
CA LYS A 36 44.53 11.77 31.25
C LYS A 36 43.53 12.85 30.83
N MET A 37 42.91 12.71 29.65
CA MET A 37 41.93 13.67 29.07
C MET A 37 40.71 13.85 29.99
N ILE A 38 40.26 12.80 30.70
CA ILE A 38 39.01 12.79 31.53
C ILE A 38 39.29 13.28 32.96
N ALA A 39 40.52 13.09 33.48
CA ALA A 39 40.94 13.43 34.85
C ALA A 39 40.57 14.87 35.25
N PRO A 40 40.88 15.93 34.44
CA PRO A 40 40.47 17.30 34.78
C PRO A 40 38.96 17.58 34.72
N ILE A 41 38.18 16.77 33.99
CA ILE A 41 36.68 16.85 33.90
C ILE A 41 36.08 16.26 35.19
N LEU A 42 36.63 15.15 35.70
CA LEU A 42 36.17 14.47 36.95
C LEU A 42 36.44 15.35 38.18
N ASP A 43 37.50 16.18 38.16
CA ASP A 43 37.82 17.19 39.21
C ASP A 43 36.69 18.23 39.29
N GLU A 44 36.19 18.70 38.16
CA GLU A 44 35.06 19.68 38.07
C GLU A 44 33.75 19.00 38.52
N ILE A 45 33.51 17.74 38.11
CA ILE A 45 32.27 16.97 38.45
C ILE A 45 32.24 16.68 39.96
N ALA A 46 33.37 16.35 40.59
CA ALA A 46 33.49 16.07 42.04
C ALA A 46 33.02 17.27 42.88
N ASP A 47 33.27 18.50 42.41
CA ASP A 47 32.87 19.80 43.05
C ASP A 47 31.41 20.14 42.70
N GLU A 48 31.07 20.11 41.40
CA GLU A 48 29.74 20.53 40.88
C GLU A 48 28.63 19.56 41.34
N TYR A 49 28.91 18.25 41.42
CA TYR A 49 27.96 17.19 41.88
C TYR A 49 28.28 16.76 43.33
N GLN A 50 28.59 17.73 44.20
CA GLN A 50 28.82 17.54 45.65
C GLN A 50 27.46 17.18 46.28
N GLY A 51 27.39 16.11 47.07
CA GLY A 51 26.14 15.63 47.73
C GLY A 51 25.33 14.68 46.85
N LYS A 52 25.30 14.89 45.52
CA LYS A 52 24.55 14.05 44.54
C LYS A 52 25.29 12.72 44.29
N LEU A 53 26.61 12.77 44.04
CA LEU A 53 27.50 11.57 43.95
C LEU A 53 28.86 11.83 44.61
N THR A 54 29.64 10.76 44.77
CA THR A 54 31.08 10.74 45.15
C THR A 54 31.89 10.23 43.95
N VAL A 55 32.92 10.95 43.52
CA VAL A 55 33.84 10.50 42.44
C VAL A 55 34.95 9.66 43.11
N ALA A 56 35.23 8.48 42.58
CA ALA A 56 36.32 7.59 43.03
C ALA A 56 37.17 7.21 41.80
N LYS A 57 38.49 7.17 41.97
CA LYS A 57 39.49 6.83 40.92
C LYS A 57 40.24 5.57 41.37
N LEU A 58 40.44 4.60 40.47
CA LEU A 58 41.31 3.41 40.67
C LEU A 58 42.33 3.34 39.54
N ASN A 59 43.62 3.49 39.88
CA ASN A 59 44.79 3.28 38.98
C ASN A 59 44.94 1.77 38.74
N ILE A 60 44.77 1.30 37.49
CA ILE A 60 44.81 -0.14 37.10
C ILE A 60 46.24 -0.68 37.19
N ASP A 61 47.27 0.15 36.92
CA ASP A 61 48.71 -0.22 37.04
C ASP A 61 49.00 -0.64 38.49
N GLN A 62 48.64 0.20 39.47
CA GLN A 62 48.86 -0.02 40.92
C GLN A 62 47.96 -1.15 41.48
N ASN A 63 46.69 -1.22 41.05
CA ASN A 63 45.62 -2.08 41.62
C ASN A 63 44.97 -2.91 40.51
N PRO A 64 45.65 -3.95 39.95
CA PRO A 64 45.11 -4.68 38.79
C PRO A 64 43.97 -5.67 39.11
N GLY A 65 43.78 -6.03 40.38
CA GLY A 65 42.93 -7.16 40.82
C GLY A 65 41.43 -6.89 40.75
N THR A 66 40.98 -5.61 40.79
CA THR A 66 39.55 -5.23 40.93
C THR A 66 38.82 -5.24 39.57
N ALA A 67 39.47 -4.75 38.51
CA ALA A 67 38.85 -4.50 37.17
C ALA A 67 38.40 -5.79 36.49
N PRO A 68 39.16 -6.93 36.51
CA PRO A 68 38.66 -8.20 35.94
C PRO A 68 37.33 -8.72 36.50
N LYS A 69 37.03 -8.46 37.79
CA LYS A 69 35.79 -8.90 38.50
C LYS A 69 34.53 -8.26 37.88
N TYR A 70 34.65 -7.08 37.26
CA TYR A 70 33.53 -6.30 36.63
C TYR A 70 33.62 -6.33 35.09
N GLY A 71 34.54 -7.11 34.51
CA GLY A 71 34.67 -7.35 33.06
C GLY A 71 35.05 -6.09 32.30
N ILE A 72 36.14 -5.43 32.71
CA ILE A 72 36.68 -4.18 32.08
C ILE A 72 37.54 -4.56 30.86
N ARG A 73 37.04 -4.27 29.65
CA ARG A 73 37.69 -4.60 28.36
C ARG A 73 38.49 -3.39 27.85
N GLY A 74 38.03 -2.14 28.06
CA GLY A 74 38.71 -0.89 27.65
C GLY A 74 38.82 0.12 28.78
N ILE A 75 39.65 1.16 28.60
CA ILE A 75 39.81 2.31 29.55
C ILE A 75 39.88 3.64 28.77
N PRO A 76 39.35 4.79 29.28
CA PRO A 76 38.72 4.88 30.60
C PRO A 76 37.28 4.35 30.63
N THR A 77 36.93 3.60 31.69
CA THR A 77 35.57 3.06 31.94
C THR A 77 35.05 3.65 33.26
N LEU A 78 33.87 4.29 33.20
CA LEU A 78 33.19 4.95 34.34
C LEU A 78 31.99 4.09 34.77
N LEU A 79 32.09 3.42 35.92
CA LEU A 79 30.98 2.61 36.52
C LEU A 79 30.33 3.40 37.65
N LEU A 80 29.07 3.82 37.45
CA LEU A 80 28.19 4.40 38.50
C LEU A 80 27.62 3.25 39.32
N PHE A 81 27.88 3.23 40.64
CA PHE A 81 27.38 2.23 41.62
C PHE A 81 26.23 2.84 42.45
N LYS A 82 25.17 2.07 42.69
CA LYS A 82 24.02 2.42 43.56
C LYS A 82 23.68 1.23 44.47
N ASN A 83 24.16 1.29 45.72
CA ASN A 83 23.79 0.36 46.84
C ASN A 83 24.32 -1.04 46.53
N GLY A 84 25.62 -1.14 46.21
CA GLY A 84 26.37 -2.40 46.02
C GLY A 84 26.30 -2.97 44.60
N GLU A 85 25.61 -2.31 43.66
CA GLU A 85 25.29 -2.82 42.28
C GLU A 85 25.60 -1.74 41.24
N VAL A 86 25.97 -2.16 40.02
CA VAL A 86 26.42 -1.27 38.90
C VAL A 86 25.17 -0.78 38.15
N ALA A 87 24.72 0.46 38.42
CA ALA A 87 23.53 1.08 37.79
C ALA A 87 23.76 1.29 36.28
N ALA A 88 24.86 1.95 35.91
CA ALA A 88 25.21 2.38 34.53
C ALA A 88 26.71 2.16 34.25
N THR A 89 27.06 2.05 32.96
CA THR A 89 28.41 1.66 32.43
C THR A 89 28.76 2.55 31.23
N LYS A 90 30.05 2.83 31.01
CA LYS A 90 30.62 3.32 29.72
C LYS A 90 32.08 2.87 29.57
N VAL A 91 32.61 2.91 28.33
CA VAL A 91 33.98 2.46 27.95
C VAL A 91 34.78 3.57 27.22
N GLY A 92 34.18 4.72 26.88
CA GLY A 92 34.80 5.80 26.08
C GLY A 92 35.07 7.06 26.88
N ALA A 93 36.03 7.89 26.43
CA ALA A 93 36.30 9.26 26.95
C ALA A 93 35.19 10.21 26.50
N LEU A 94 34.80 11.17 27.34
CA LEU A 94 33.74 12.18 27.08
C LEU A 94 34.23 13.61 27.31
N SER A 95 33.46 14.58 26.81
CA SER A 95 33.46 16.02 27.19
C SER A 95 32.66 16.22 28.48
N LYS A 96 32.84 17.38 29.14
CA LYS A 96 32.17 17.76 30.40
C LYS A 96 30.65 17.80 30.20
N GLY A 97 30.21 18.40 29.08
CA GLY A 97 28.78 18.56 28.69
C GLY A 97 28.08 17.23 28.48
N GLN A 98 28.73 16.27 27.78
CA GLN A 98 28.20 14.91 27.50
C GLN A 98 28.13 14.08 28.80
N LEU A 99 29.10 14.23 29.70
CA LEU A 99 29.20 13.46 30.98
C LEU A 99 28.18 14.00 31.99
N LYS A 100 27.98 15.32 32.06
CA LYS A 100 26.90 15.96 32.87
C LYS A 100 25.54 15.32 32.53
N GLU A 101 25.21 15.21 31.24
CA GLU A 101 23.94 14.63 30.72
C GLU A 101 23.79 13.17 31.17
N PHE A 102 24.85 12.36 31.06
CA PHE A 102 24.89 10.93 31.49
C PHE A 102 24.56 10.81 32.99
N LEU A 103 25.20 11.64 33.82
CA LEU A 103 25.10 11.59 35.30
C LEU A 103 23.70 12.06 35.75
N ASP A 104 23.20 13.15 35.17
CA ASP A 104 21.82 13.69 35.42
C ASP A 104 20.76 12.61 35.11
N ALA A 105 20.89 11.92 33.97
CA ALA A 105 19.99 10.84 33.47
C ALA A 105 19.92 9.67 34.45
N ASN A 106 21.07 9.24 35.02
CA ASN A 106 21.20 8.03 35.88
C ASN A 106 21.06 8.34 37.38
N LEU A 107 21.26 9.59 37.83
CA LEU A 107 21.19 9.97 39.27
C LEU A 107 19.72 10.07 39.70
N ALA A 108 18.92 10.83 38.96
CA ALA A 108 17.44 10.91 39.11
C ALA A 108 16.83 9.61 38.55
N GLU A 109 16.27 8.76 39.43
CA GLU A 109 15.72 7.43 39.09
C GLU A 109 14.43 7.58 38.26
N ALA A 112 14.40 8.82 33.72
CA ALA A 112 13.48 7.64 33.83
C ALA A 112 12.20 7.98 34.63
N LYS A 113 12.21 8.98 35.52
CA LYS A 113 11.00 9.60 36.11
C LYS A 113 10.37 10.59 35.12
N VAL A 114 11.21 11.31 34.35
CA VAL A 114 10.79 12.24 33.27
C VAL A 114 10.07 11.42 32.19
N MET A 115 10.74 10.34 31.72
CA MET A 115 10.25 9.32 30.75
C MET A 115 8.80 8.90 31.09
N SER A 116 8.51 8.51 32.33
CA SER A 116 7.19 7.98 32.78
C SER A 116 6.13 9.10 32.82
N LEU A 117 6.48 10.31 33.28
CA LEU A 117 5.55 11.47 33.30
C LEU A 117 5.21 11.89 31.85
N LEU A 118 6.17 11.78 30.93
CA LEU A 118 6.01 12.18 29.51
C LEU A 118 5.01 11.25 28.79
N MET A 119 4.95 9.97 29.18
CA MET A 119 3.92 9.01 28.68
C MET A 119 2.53 9.46 29.16
N ALA A 120 2.43 9.91 30.41
CA ALA A 120 1.17 10.34 31.07
C ALA A 120 0.54 11.52 30.32
N LEU A 121 1.31 12.58 29.99
CA LEU A 121 0.79 13.77 29.25
C LEU A 121 0.38 13.36 27.84
N VAL A 122 1.12 12.43 27.19
CA VAL A 122 0.85 11.93 25.81
C VAL A 122 -0.55 11.30 25.80
N VAL A 123 -0.84 10.38 26.73
CA VAL A 123 -2.19 9.73 26.86
C VAL A 123 -3.25 10.81 27.06
N LEU A 124 -2.98 11.80 27.92
CA LEU A 124 -3.94 12.85 28.30
C LEU A 124 -4.27 13.73 27.08
N LEU A 125 -3.26 14.16 26.34
CA LEU A 125 -3.44 14.97 25.10
C LEU A 125 -4.24 14.17 24.05
N ILE A 126 -3.88 12.90 23.80
CA ILE A 126 -4.53 12.04 22.78
C ILE A 126 -6.01 11.87 23.15
N VAL A 127 -6.32 11.48 24.40
CA VAL A 127 -7.72 11.14 24.82
C VAL A 127 -8.51 12.46 24.83
N ALA A 128 -8.02 13.48 25.52
CA ALA A 128 -8.70 14.80 25.66
C ALA A 128 -8.97 15.36 24.25
N GLY A 129 -7.92 15.54 23.45
CA GLY A 129 -7.96 16.10 22.10
C GLY A 129 -8.97 15.38 21.20
N ASN A 130 -8.94 14.05 21.17
CA ASN A 130 -9.73 13.24 20.19
C ASN A 130 -11.17 13.09 20.67
N VAL A 131 -11.41 12.86 21.97
CA VAL A 131 -12.79 12.83 22.55
C VAL A 131 -13.49 14.16 22.25
N LEU A 132 -12.75 15.25 22.41
CA LEU A 132 -13.25 16.64 22.20
C LEU A 132 -13.65 16.83 20.72
N VAL A 133 -12.91 16.23 19.77
CA VAL A 133 -13.17 16.33 18.30
C VAL A 133 -14.42 15.53 17.94
N ILE A 134 -14.50 14.26 18.38
CA ILE A 134 -15.65 13.35 18.09
C ILE A 134 -16.91 13.97 18.67
N ALA A 135 -16.82 14.47 19.92
CA ALA A 135 -17.89 15.20 20.64
C ALA A 135 -18.36 16.39 19.80
N ALA A 136 -17.42 17.26 19.40
CA ALA A 136 -17.66 18.50 18.63
C ALA A 136 -18.40 18.17 17.33
N ILE A 137 -17.92 17.18 16.57
CA ILE A 137 -18.53 16.76 15.27
C ILE A 137 -19.91 16.13 15.56
N GLY A 138 -19.98 15.24 16.55
CA GLY A 138 -21.20 14.50 16.92
C GLY A 138 -22.32 15.41 17.41
N SER A 139 -21.98 16.40 18.23
CA SER A 139 -22.94 17.33 18.88
C SER A 139 -23.44 18.38 17.89
N THR A 140 -22.55 19.03 17.14
CA THR A 140 -22.83 20.21 16.27
C THR A 140 -23.27 19.76 14.87
N GLN A 141 -24.46 20.20 14.43
CA GLN A 141 -25.10 19.89 13.12
C GLN A 141 -24.24 20.45 11.98
N ARG A 142 -23.71 21.66 12.18
CA ARG A 142 -22.89 22.45 11.21
C ARG A 142 -21.57 21.72 10.89
N LEU A 143 -20.99 20.98 11.84
CA LEU A 143 -19.69 20.27 11.68
C LEU A 143 -19.85 18.96 10.89
N GLN A 144 -21.07 18.43 10.70
CA GLN A 144 -21.29 17.08 10.08
C GLN A 144 -21.15 17.16 8.56
N THR A 145 -20.01 17.67 8.08
CA THR A 145 -19.65 17.82 6.65
C THR A 145 -19.03 16.49 6.17
N LEU A 146 -18.72 16.41 4.88
CA LEU A 146 -18.14 15.20 4.25
C LEU A 146 -16.67 15.03 4.71
N THR A 147 -15.87 16.10 4.71
CA THR A 147 -14.48 16.13 5.22
C THR A 147 -14.45 15.61 6.66
N ASN A 148 -15.33 16.13 7.52
CA ASN A 148 -15.38 15.79 8.97
C ASN A 148 -15.81 14.33 9.20
N LEU A 149 -16.39 13.66 8.20
CA LEU A 149 -16.56 12.18 8.18
C LEU A 149 -15.18 11.49 8.25
N PHE A 150 -14.26 11.86 7.34
CA PHE A 150 -12.85 11.38 7.35
C PHE A 150 -12.14 11.83 8.62
N ILE A 151 -12.41 13.03 9.13
CA ILE A 151 -11.81 13.53 10.41
C ILE A 151 -12.32 12.63 11.54
N THR A 152 -13.58 12.16 11.49
CA THR A 152 -14.17 11.28 12.53
C THR A 152 -13.52 9.90 12.51
N SER A 153 -13.24 9.34 11.33
CA SER A 153 -12.47 8.09 11.12
C SER A 153 -11.11 8.23 11.83
N LEU A 154 -10.38 9.29 11.51
CA LEU A 154 -9.03 9.62 12.06
C LEU A 154 -9.16 9.70 13.59
N ALA A 155 -10.17 10.44 14.07
CA ALA A 155 -10.33 10.77 15.51
C ALA A 155 -10.52 9.48 16.31
N CYS A 156 -11.28 8.52 15.78
CA CYS A 156 -11.52 7.19 16.41
C CYS A 156 -10.21 6.37 16.45
N ALA A 157 -9.47 6.32 15.34
CA ALA A 157 -8.19 5.58 15.25
C ALA A 157 -7.23 6.10 16.33
N ASP A 158 -7.01 7.42 16.39
CA ASP A 158 -6.11 8.08 17.36
C ASP A 158 -6.63 7.91 18.79
N LEU A 159 -7.96 7.96 19.00
CA LEU A 159 -8.57 7.76 20.34
C LEU A 159 -8.20 6.36 20.89
N VAL A 160 -8.40 5.32 20.07
CA VAL A 160 -8.10 3.90 20.44
C VAL A 160 -6.59 3.77 20.67
N VAL A 161 -5.75 4.58 20.01
CA VAL A 161 -4.29 4.64 20.29
C VAL A 161 -4.09 5.14 21.74
N GLY A 162 -4.73 6.23 22.12
CA GLY A 162 -4.63 6.82 23.48
C GLY A 162 -5.19 5.94 24.59
N LEU A 163 -6.37 5.31 24.38
CA LEU A 163 -7.06 4.52 25.43
C LEU A 163 -6.41 3.15 25.63
N LEU A 164 -6.06 2.42 24.57
CA LEU A 164 -5.62 1.00 24.67
C LEU A 164 -4.14 0.86 24.27
N VAL A 165 -3.70 1.37 23.13
CA VAL A 165 -2.33 1.07 22.60
C VAL A 165 -1.28 1.71 23.52
N VAL A 166 -1.33 3.01 23.78
CA VAL A 166 -0.21 3.71 24.48
C VAL A 166 -0.12 3.22 25.94
N PRO A 167 -1.23 3.08 26.72
CA PRO A 167 -1.17 2.54 28.09
C PRO A 167 -0.42 1.20 28.26
N PHE A 168 -0.87 0.17 27.55
CA PHE A 168 -0.27 -1.20 27.54
C PHE A 168 1.18 -1.11 27.05
N GLY A 169 1.47 -0.18 26.15
CA GLY A 169 2.84 0.17 25.73
C GLY A 169 3.63 0.73 26.89
N ALA A 170 3.06 1.72 27.60
CA ALA A 170 3.71 2.43 28.74
C ALA A 170 4.16 1.39 29.78
N THR A 171 3.30 0.42 30.10
CA THR A 171 3.53 -0.59 31.16
C THR A 171 4.73 -1.47 30.80
N LEU A 172 4.80 -1.95 29.56
CA LEU A 172 5.92 -2.77 29.03
C LEU A 172 7.27 -2.02 29.16
N VAL A 173 7.29 -0.70 28.97
CA VAL A 173 8.53 0.12 29.13
C VAL A 173 8.90 0.16 30.61
N VAL A 174 7.94 0.52 31.49
CA VAL A 174 8.13 0.70 32.96
C VAL A 174 8.58 -0.63 33.58
N ARG A 175 7.74 -1.66 33.50
CA ARG A 175 7.98 -3.01 34.12
C ARG A 175 9.11 -3.76 33.42
N GLY A 176 9.45 -3.42 32.16
CA GLY A 176 10.49 -4.10 31.35
C GLY A 176 10.08 -5.50 30.90
N THR A 177 8.81 -5.88 31.04
CA THR A 177 8.26 -7.25 30.76
C THR A 177 6.73 -7.15 30.52
N TRP A 178 6.18 -8.13 29.80
CA TRP A 178 4.73 -8.20 29.43
C TRP A 178 3.96 -8.99 30.47
N LEU A 179 3.07 -8.34 31.22
CA LEU A 179 2.33 -8.92 32.38
C LEU A 179 0.99 -9.57 31.96
N TRP A 180 0.51 -9.41 30.72
CA TRP A 180 -0.88 -9.78 30.30
C TRP A 180 -0.90 -11.02 29.40
N GLY A 181 0.24 -11.70 29.19
CA GLY A 181 0.30 -13.05 28.59
C GLY A 181 0.11 -13.09 27.08
N SER A 182 0.64 -14.16 26.46
CA SER A 182 0.89 -14.36 25.01
C SER A 182 -0.24 -13.83 24.10
N PHE A 183 -1.49 -14.11 24.44
CA PHE A 183 -2.69 -13.77 23.64
C PHE A 183 -2.83 -12.24 23.54
N LEU A 184 -2.90 -11.57 24.69
CA LEU A 184 -3.05 -10.08 24.75
C LEU A 184 -1.82 -9.39 24.18
N CYS A 185 -0.64 -10.02 24.14
CA CYS A 185 0.54 -9.48 23.40
C CYS A 185 0.19 -9.43 21.91
N GLU A 186 -0.28 -10.55 21.35
CA GLU A 186 -0.70 -10.66 19.93
C GLU A 186 -1.88 -9.71 19.63
N LEU A 187 -2.86 -9.62 20.53
CA LEU A 187 -4.07 -8.77 20.32
C LEU A 187 -3.66 -7.29 20.35
N TRP A 188 -2.88 -6.91 21.35
CA TRP A 188 -2.36 -5.53 21.55
C TRP A 188 -1.50 -5.10 20.35
N THR A 189 -0.60 -5.96 19.88
CA THR A 189 0.26 -5.73 18.68
C THR A 189 -0.62 -5.51 17.44
N SER A 190 -1.64 -6.33 17.23
CA SER A 190 -2.64 -6.18 16.14
C SER A 190 -3.37 -4.84 16.26
N LEU A 191 -3.80 -4.47 17.48
CA LEU A 191 -4.57 -3.22 17.74
C LEU A 191 -3.67 -2.00 17.45
N ASP A 192 -2.39 -2.08 17.81
CA ASP A 192 -1.37 -1.04 17.50
C ASP A 192 -1.32 -0.83 15.98
N VAL A 193 -0.98 -1.88 15.22
CA VAL A 193 -0.79 -1.81 13.74
C VAL A 193 -2.11 -1.40 13.07
N LEU A 194 -3.26 -1.94 13.51
CA LEU A 194 -4.61 -1.56 12.99
C LEU A 194 -4.78 -0.05 13.08
N CYS A 195 -4.70 0.51 14.28
CA CYS A 195 -5.03 1.94 14.56
C CYS A 195 -3.99 2.88 13.95
N VAL A 196 -2.70 2.55 14.00
CA VAL A 196 -1.63 3.35 13.32
C VAL A 196 -1.85 3.32 11.80
N THR A 197 -2.16 2.16 11.20
CA THR A 197 -2.45 2.03 9.75
C THR A 197 -3.71 2.85 9.39
N ALA A 198 -4.79 2.71 10.15
CA ALA A 198 -6.07 3.45 9.95
C ALA A 198 -5.84 4.97 10.04
N SER A 199 -5.02 5.41 11.00
CA SER A 199 -4.71 6.83 11.24
C SER A 199 -4.01 7.42 10.00
N ILE A 200 -2.88 6.82 9.62
CA ILE A 200 -1.97 7.34 8.56
C ILE A 200 -2.68 7.21 7.19
N GLU A 201 -3.45 6.13 6.96
CA GLU A 201 -4.20 5.96 5.69
C GLU A 201 -5.31 7.01 5.61
N THR A 202 -6.00 7.31 6.72
CA THR A 202 -7.08 8.35 6.76
C THR A 202 -6.45 9.74 6.57
N LEU A 203 -5.20 10.00 6.97
CA LEU A 203 -4.49 11.30 6.70
C LEU A 203 -4.36 11.48 5.19
N CYS A 204 -3.95 10.42 4.51
CA CYS A 204 -3.85 10.30 3.03
C CYS A 204 -5.22 10.55 2.36
N VAL A 205 -6.30 9.97 2.88
CA VAL A 205 -7.67 10.15 2.32
C VAL A 205 -8.11 11.61 2.51
N ILE A 206 -7.84 12.21 3.67
CA ILE A 206 -8.15 13.65 3.97
C ILE A 206 -7.40 14.53 2.96
N ALA A 207 -6.13 14.26 2.66
CA ALA A 207 -5.34 15.00 1.64
C ALA A 207 -6.09 14.99 0.31
N ILE A 208 -6.51 13.81 -0.14
CA ILE A 208 -7.24 13.61 -1.43
C ILE A 208 -8.56 14.37 -1.38
N ASP A 209 -9.35 14.23 -0.30
CA ASP A 209 -10.65 14.94 -0.11
C ASP A 209 -10.44 16.46 -0.31
N ARG A 210 -9.53 17.08 0.45
CA ARG A 210 -9.26 18.54 0.41
C ARG A 210 -8.74 18.94 -0.97
N TYR A 211 -7.88 18.14 -1.60
CA TYR A 211 -7.36 18.44 -2.97
C TYR A 211 -8.54 18.51 -3.97
N LEU A 212 -9.45 17.54 -4.00
CA LEU A 212 -10.63 17.55 -4.91
C LEU A 212 -11.49 18.77 -4.61
N ALA A 213 -11.84 18.97 -3.34
CA ALA A 213 -12.75 20.05 -2.84
C ALA A 213 -12.21 21.45 -3.20
N ILE A 214 -10.88 21.62 -3.23
CA ILE A 214 -10.17 22.92 -3.48
C ILE A 214 -10.01 23.13 -4.98
N THR A 215 -9.41 22.17 -5.71
CA THR A 215 -9.07 22.30 -7.15
C THR A 215 -10.29 22.08 -8.06
N SER A 216 -11.28 21.28 -7.65
CA SER A 216 -12.41 20.81 -8.50
C SER A 216 -13.70 20.81 -7.71
N PRO A 217 -14.15 21.95 -7.14
CA PRO A 217 -15.24 21.95 -6.16
C PRO A 217 -16.60 21.40 -6.63
N PHE A 218 -16.92 21.55 -7.92
CA PHE A 218 -18.23 21.17 -8.50
C PHE A 218 -18.19 19.68 -8.87
N ARG A 219 -17.07 19.23 -9.41
CA ARG A 219 -16.80 17.78 -9.67
C ARG A 219 -16.80 17.02 -8.33
N TYR A 220 -16.13 17.53 -7.30
CA TYR A 220 -16.07 16.98 -5.91
C TYR A 220 -17.48 16.75 -5.34
N GLN A 221 -18.43 17.66 -5.52
CA GLN A 221 -19.80 17.54 -4.92
C GLN A 221 -20.51 16.30 -5.46
N SER A 222 -20.55 16.12 -6.78
CA SER A 222 -21.23 14.97 -7.44
C SER A 222 -20.41 13.69 -7.24
N LEU A 223 -19.08 13.77 -7.42
CA LEU A 223 -18.15 12.61 -7.37
C LEU A 223 -18.05 12.08 -5.93
N MET A 224 -17.87 12.93 -4.92
CA MET A 224 -17.70 12.52 -3.50
C MET A 224 -19.04 12.67 -2.77
N THR A 225 -19.79 11.58 -2.64
CA THR A 225 -21.08 11.48 -1.92
C THR A 225 -20.83 11.02 -0.47
N ARG A 226 -21.86 10.97 0.38
CA ARG A 226 -21.77 10.38 1.75
C ARG A 226 -21.54 8.86 1.63
N ALA A 227 -22.23 8.21 0.70
CA ALA A 227 -22.11 6.76 0.40
C ALA A 227 -20.67 6.43 0.00
N ARG A 228 -20.06 7.22 -0.87
CA ARG A 228 -18.68 6.98 -1.37
C ARG A 228 -17.68 7.18 -0.22
N ALA A 229 -17.84 8.26 0.57
CA ALA A 229 -17.03 8.52 1.78
C ALA A 229 -17.06 7.33 2.75
N LYS A 230 -18.25 6.78 3.04
CA LYS A 230 -18.45 5.57 3.91
C LYS A 230 -17.65 4.39 3.35
N VAL A 231 -17.72 4.16 2.04
CA VAL A 231 -17.03 3.01 1.38
C VAL A 231 -15.52 3.20 1.54
N ILE A 232 -15.01 4.43 1.31
CA ILE A 232 -13.56 4.77 1.45
C ILE A 232 -13.13 4.50 2.90
N ILE A 233 -13.88 5.03 3.88
CA ILE A 233 -13.59 4.83 5.34
C ILE A 233 -13.54 3.32 5.63
N CYS A 234 -14.58 2.59 5.27
CA CYS A 234 -14.70 1.12 5.49
C CYS A 234 -13.53 0.38 4.85
N THR A 235 -13.10 0.80 3.64
CA THR A 235 -11.93 0.21 2.92
C THR A 235 -10.65 0.39 3.74
N VAL A 236 -10.41 1.61 4.26
CA VAL A 236 -9.20 1.94 5.05
C VAL A 236 -9.15 1.07 6.31
N TRP A 237 -10.30 0.87 6.97
CA TRP A 237 -10.38 -0.01 8.17
C TRP A 237 -10.20 -1.48 7.77
N ALA A 238 -10.79 -1.91 6.65
CA ALA A 238 -10.65 -3.29 6.12
C ALA A 238 -9.18 -3.57 5.83
N ILE A 239 -8.48 -2.67 5.14
CA ILE A 239 -7.02 -2.81 4.80
C ILE A 239 -6.21 -2.88 6.10
N SER A 240 -6.46 -1.93 7.02
CA SER A 240 -5.78 -1.84 8.34
C SER A 240 -5.91 -3.18 9.09
N ALA A 241 -7.11 -3.78 9.10
CA ALA A 241 -7.41 -5.09 9.75
C ALA A 241 -6.60 -6.20 9.08
N LEU A 242 -6.65 -6.25 7.74
CA LEU A 242 -6.00 -7.33 6.96
C LEU A 242 -4.47 -7.22 6.98
N VAL A 243 -3.89 -6.08 7.38
CA VAL A 243 -2.40 -5.91 7.56
C VAL A 243 -2.04 -6.16 9.02
N SER A 244 -2.96 -5.96 9.97
CA SER A 244 -2.70 -6.04 11.43
C SER A 244 -3.16 -7.39 11.98
N PHE A 245 -4.47 -7.61 12.10
CA PHE A 245 -5.05 -8.78 12.79
C PHE A 245 -4.74 -10.06 12.00
N LEU A 246 -5.14 -10.12 10.73
CA LEU A 246 -5.00 -11.34 9.88
C LEU A 246 -3.57 -11.87 9.96
N PRO A 247 -2.49 -11.11 9.66
CA PRO A 247 -1.13 -11.66 9.72
C PRO A 247 -0.62 -11.98 11.13
N ILE A 248 -0.92 -11.12 12.11
CA ILE A 248 -0.35 -11.22 13.50
C ILE A 248 -1.05 -12.38 14.25
N MET A 249 -2.38 -12.45 14.15
CA MET A 249 -3.20 -13.46 14.87
C MET A 249 -2.99 -14.86 14.25
N MET A 250 -2.72 -14.96 12.94
CA MET A 250 -2.47 -16.24 12.24
C MET A 250 -0.96 -16.56 12.19
N HIS A 251 -0.09 -15.77 12.82
CA HIS A 251 1.36 -16.04 13.01
C HIS A 251 2.14 -15.94 11.69
N TRP A 252 1.65 -15.17 10.70
CA TRP A 252 2.33 -14.98 9.38
C TRP A 252 3.53 -14.04 9.53
N TRP A 253 3.41 -13.05 10.42
CA TRP A 253 4.49 -12.09 10.79
C TRP A 253 5.71 -12.77 11.43
N ARG A 254 5.55 -13.97 12.01
CA ARG A 254 6.61 -14.71 12.78
C ARG A 254 7.89 -14.89 11.97
N ASP A 255 9.05 -14.59 12.57
CA ASP A 255 10.41 -14.94 12.08
C ASP A 255 10.71 -16.38 12.51
N GLU A 256 11.53 -17.13 11.74
CA GLU A 256 11.92 -18.53 12.04
C GLU A 256 13.11 -18.60 13.00
N ASP A 257 13.93 -17.54 13.10
CA ASP A 257 15.17 -17.43 13.93
C ASP A 257 14.92 -17.98 15.34
N PRO A 258 15.83 -18.79 15.96
CA PRO A 258 15.58 -19.36 17.29
C PRO A 258 15.53 -18.35 18.46
N GLN A 259 16.29 -17.24 18.38
CA GLN A 259 16.24 -16.13 19.38
C GLN A 259 14.86 -15.47 19.36
N ALA A 260 14.24 -15.37 18.18
CA ALA A 260 12.84 -14.92 17.98
C ALA A 260 11.87 -15.95 18.57
N LEU A 261 12.07 -17.24 18.32
CA LEU A 261 11.22 -18.36 18.82
C LEU A 261 11.16 -18.36 20.37
N LYS A 262 12.25 -17.98 21.06
CA LYS A 262 12.31 -17.86 22.54
C LYS A 262 11.31 -16.79 23.01
N CYS A 263 11.19 -15.67 22.28
CA CYS A 263 10.23 -14.57 22.58
C CYS A 263 8.79 -15.01 22.32
N TYR A 264 8.55 -15.81 21.27
CA TYR A 264 7.18 -16.31 20.91
C TYR A 264 6.74 -17.38 21.92
N GLN A 265 7.67 -18.19 22.43
CA GLN A 265 7.41 -19.25 23.46
C GLN A 265 7.16 -18.63 24.84
N ASP A 266 7.96 -17.62 25.25
CA ASP A 266 7.90 -16.94 26.58
C ASP A 266 6.71 -15.97 26.60
N PRO A 267 5.68 -16.17 27.48
CA PRO A 267 4.60 -15.18 27.63
C PRO A 267 5.00 -13.81 28.21
N GLY A 268 6.13 -13.75 28.92
CA GLY A 268 6.73 -12.53 29.49
C GLY A 268 7.31 -11.61 28.43
N CYS A 269 7.85 -12.16 27.34
CA CYS A 269 8.40 -11.42 26.17
C CYS A 269 7.23 -11.01 25.26
N CYS A 270 7.18 -9.72 24.91
CA CYS A 270 6.29 -9.14 23.88
C CYS A 270 7.10 -8.17 23.00
N ASP A 271 8.31 -8.58 22.63
CA ASP A 271 9.13 -7.88 21.60
C ASP A 271 8.41 -8.02 20.25
N PHE A 272 8.46 -6.94 19.47
CA PHE A 272 7.99 -6.83 18.07
C PHE A 272 9.12 -7.30 17.16
N VAL A 273 9.10 -8.59 16.83
CA VAL A 273 10.04 -9.27 15.89
C VAL A 273 9.19 -9.79 14.72
N THR A 274 9.54 -9.34 13.51
CA THR A 274 8.80 -9.60 12.25
C THR A 274 9.77 -10.27 11.28
N ASN A 275 9.28 -11.12 10.38
CA ASN A 275 10.03 -11.53 9.15
C ASN A 275 10.27 -10.29 8.28
N ARG A 276 11.11 -10.44 7.26
CA ARG A 276 11.44 -9.38 6.28
C ARG A 276 10.17 -8.95 5.53
N ALA A 277 9.34 -9.90 5.08
CA ALA A 277 8.16 -9.68 4.23
C ALA A 277 7.13 -8.82 4.97
N TYR A 278 6.77 -9.18 6.21
CA TYR A 278 5.77 -8.43 7.02
C TYR A 278 6.30 -7.02 7.31
N ALA A 279 7.55 -6.90 7.72
CA ALA A 279 8.22 -5.60 8.05
C ALA A 279 8.17 -4.64 6.85
N ILE A 280 8.37 -5.17 5.63
CA ILE A 280 8.33 -4.37 4.38
C ILE A 280 6.86 -4.04 4.07
N ALA A 281 6.04 -5.09 3.89
CA ALA A 281 4.62 -5.02 3.45
C ALA A 281 3.78 -4.12 4.38
N SER A 282 3.88 -4.33 5.70
CA SER A 282 3.18 -3.51 6.71
C SER A 282 3.67 -2.05 6.65
N SER A 283 4.97 -1.80 6.48
CA SER A 283 5.58 -0.43 6.42
C SER A 283 5.10 0.33 5.17
N ILE A 284 5.07 -0.34 4.01
CA ILE A 284 4.60 0.23 2.71
C ILE A 284 3.11 0.58 2.82
N ILE A 285 2.27 -0.36 3.25
CA ILE A 285 0.79 -0.19 3.32
C ILE A 285 0.42 0.82 4.43
N SER A 286 1.10 0.80 5.58
CA SER A 286 0.78 1.68 6.73
C SER A 286 1.32 3.10 6.54
N PHE A 287 2.48 3.30 5.87
CA PHE A 287 3.20 4.60 5.89
C PHE A 287 3.60 5.10 4.49
N TYR A 288 4.38 4.33 3.73
CA TYR A 288 5.09 4.85 2.53
C TYR A 288 4.11 5.16 1.38
N ILE A 289 3.15 4.28 1.09
CA ILE A 289 2.10 4.56 0.06
C ILE A 289 1.27 5.77 0.50
N PRO A 290 0.73 5.83 1.74
CA PRO A 290 0.10 7.05 2.24
C PRO A 290 0.97 8.32 2.13
N LEU A 291 2.25 8.22 2.49
CA LEU A 291 3.22 9.37 2.42
C LEU A 291 3.39 9.83 0.97
N LEU A 292 3.58 8.91 0.01
CA LEU A 292 3.75 9.29 -1.43
C LEU A 292 2.48 9.94 -1.95
N ILE A 293 1.29 9.38 -1.64
CA ILE A 293 -0.01 9.98 -2.04
C ILE A 293 -0.09 11.40 -1.47
N MET A 294 0.16 11.60 -0.17
CA MET A 294 0.10 12.93 0.47
C MET A 294 1.08 13.91 -0.21
N ILE A 295 2.31 13.50 -0.51
CA ILE A 295 3.34 14.36 -1.17
C ILE A 295 2.80 14.78 -2.54
N PHE A 296 2.41 13.80 -3.36
CA PHE A 296 1.88 13.99 -4.75
C PHE A 296 0.68 14.93 -4.73
N VAL A 297 -0.30 14.68 -3.87
CA VAL A 297 -1.62 15.37 -3.80
C VAL A 297 -1.39 16.83 -3.38
N TYR A 298 -0.72 17.05 -2.24
CA TYR A 298 -0.49 18.40 -1.65
C TYR A 298 0.49 19.21 -2.52
N LEU A 299 1.34 18.55 -3.32
CA LEU A 299 2.17 19.22 -4.36
C LEU A 299 1.26 19.83 -5.44
N ARG A 300 0.25 19.09 -5.92
CA ARG A 300 -0.71 19.55 -6.96
C ARG A 300 -1.57 20.71 -6.43
N VAL A 301 -1.84 20.80 -5.12
CA VAL A 301 -2.48 22.01 -4.49
C VAL A 301 -1.50 23.19 -4.59
N TYR A 302 -0.22 22.99 -4.28
CA TYR A 302 0.83 24.05 -4.37
C TYR A 302 0.97 24.48 -5.84
N ARG A 303 1.11 23.52 -6.77
CA ARG A 303 1.28 23.79 -8.22
C ARG A 303 0.07 24.57 -8.76
N GLU A 304 -1.16 24.13 -8.45
CA GLU A 304 -2.43 24.78 -8.87
C GLU A 304 -2.43 26.25 -8.45
N ALA A 305 -2.11 26.55 -7.19
CA ALA A 305 -2.16 27.90 -6.59
C ALA A 305 -1.08 28.79 -7.19
N LYS A 306 0.11 28.22 -7.45
CA LYS A 306 1.25 28.91 -8.09
C LYS A 306 0.91 29.23 -9.56
N GLU A 307 0.39 28.25 -10.30
CA GLU A 307 -0.04 28.39 -11.72
C GLU A 307 -1.21 29.39 -11.83
N GLN A 308 -2.09 29.45 -10.83
CA GLN A 308 -3.24 30.40 -10.84
C GLN A 308 -2.73 31.82 -10.65
N ILE A 309 -1.62 32.04 -9.96
CA ILE A 309 -0.96 33.39 -9.85
C ILE A 309 -0.37 33.76 -11.22
N ARG A 310 0.23 32.79 -11.94
CA ARG A 310 0.76 32.97 -13.32
C ARG A 310 -0.37 33.46 -14.24
N LYS A 311 -1.58 32.89 -14.13
CA LYS A 311 -2.76 33.29 -14.95
C LYS A 311 -3.17 34.74 -14.66
N ILE A 312 -3.04 35.20 -13.40
CA ILE A 312 -3.42 36.57 -12.95
C ILE A 312 -2.41 37.58 -13.51
N ASP A 313 -1.11 37.25 -13.46
CA ASP A 313 0.00 38.13 -13.91
C ASP A 313 -0.02 38.25 -15.44
N ARG A 314 -0.28 37.14 -16.14
CA ARG A 314 -0.40 37.07 -17.63
C ARG A 314 -1.56 37.94 -18.12
N ALA A 315 -2.68 37.91 -17.37
CA ALA A 315 -3.89 38.62 -17.73
C ALA A 315 -3.83 40.12 -17.36
N SER A 316 -2.84 40.58 -16.58
CA SER A 316 -2.64 42.01 -16.23
C SER A 316 -2.26 42.87 -17.46
N LYS A 317 -1.69 42.27 -18.52
CA LYS A 317 -1.07 42.97 -19.69
C LYS A 317 0.15 43.78 -19.20
N ARG A 318 1.02 43.13 -18.41
CA ARG A 318 2.30 43.65 -17.87
C ARG A 318 2.06 44.91 -17.02
N LYS A 319 0.93 44.97 -16.26
CA LYS A 319 0.54 46.12 -15.40
C LYS A 319 1.04 45.86 -13.96
N THR A 320 0.76 44.69 -13.38
CA THR A 320 1.18 44.27 -12.00
C THR A 320 1.77 42.87 -12.04
N SER A 321 2.84 42.64 -11.26
CA SER A 321 3.35 41.31 -10.85
C SER A 321 2.86 41.01 -9.43
N ARG A 322 2.18 39.87 -9.24
CA ARG A 322 1.60 39.46 -7.94
C ARG A 322 2.75 38.99 -7.04
N VAL A 323 2.65 39.31 -5.74
CA VAL A 323 3.54 38.83 -4.64
C VAL A 323 2.66 38.00 -3.68
N MET A 324 3.28 37.15 -2.86
CA MET A 324 2.61 36.34 -1.80
C MET A 324 2.01 37.27 -0.72
N ALA A 325 0.68 37.30 -0.66
CA ALA A 325 -0.12 37.95 0.40
C ALA A 325 -0.26 37.02 1.61
N MET A 326 -0.86 37.53 2.69
CA MET A 326 -1.12 36.85 3.99
C MET A 326 -1.76 35.46 3.76
N LYS A 327 -2.77 35.37 2.89
CA LYS A 327 -3.55 34.13 2.62
C LYS A 327 -2.65 33.02 2.04
N GLU A 328 -1.76 33.37 1.11
CA GLU A 328 -0.83 32.41 0.45
C GLU A 328 0.20 31.91 1.48
N HIS A 329 0.78 32.80 2.29
CA HIS A 329 1.79 32.46 3.34
C HIS A 329 1.19 31.58 4.45
N LYS A 330 -0.09 31.80 4.83
CA LYS A 330 -0.81 30.94 5.80
C LYS A 330 -1.03 29.55 5.19
N ALA A 331 -1.46 29.48 3.93
CA ALA A 331 -1.72 28.21 3.19
C ALA A 331 -0.44 27.36 3.15
N LEU A 332 0.67 28.02 2.85
CA LEU A 332 1.99 27.38 2.70
C LEU A 332 2.49 26.91 4.07
N LYS A 333 2.15 27.59 5.16
CA LYS A 333 2.44 27.17 6.55
C LYS A 333 1.63 25.91 6.88
N THR A 334 0.31 25.90 6.60
CA THR A 334 -0.61 24.76 6.83
C THR A 334 -0.08 23.50 6.13
N LEU A 335 0.31 23.64 4.87
CA LEU A 335 0.97 22.57 4.07
C LEU A 335 2.25 22.07 4.78
N GLY A 336 3.05 23.00 5.32
CA GLY A 336 4.27 22.74 6.10
C GLY A 336 3.98 21.93 7.35
N ILE A 337 2.94 22.30 8.11
CA ILE A 337 2.53 21.62 9.38
C ILE A 337 2.04 20.20 9.05
N ILE A 338 1.23 20.03 7.99
CA ILE A 338 0.63 18.71 7.61
C ILE A 338 1.79 17.76 7.30
N MET A 339 2.60 18.06 6.29
CA MET A 339 3.73 17.20 5.86
C MET A 339 4.85 17.19 6.92
N GLY A 340 5.11 18.32 7.59
CA GLY A 340 6.18 18.44 8.61
C GLY A 340 5.96 17.53 9.80
N VAL A 341 4.82 17.70 10.47
CA VAL A 341 4.48 17.01 11.76
C VAL A 341 4.29 15.50 11.47
N PHE A 342 3.54 15.15 10.43
CA PHE A 342 3.32 13.73 10.02
C PHE A 342 4.66 13.05 9.76
N THR A 343 5.59 13.70 9.04
CA THR A 343 6.89 13.11 8.63
C THR A 343 7.82 13.02 9.84
N LEU A 344 7.98 14.13 10.59
CA LEU A 344 8.79 14.18 11.85
C LEU A 344 8.36 13.02 12.76
N CYS A 345 7.06 12.84 12.96
CA CYS A 345 6.50 11.86 13.94
C CYS A 345 6.75 10.41 13.49
N TRP A 346 6.54 10.08 12.20
CA TRP A 346 6.42 8.67 11.71
C TRP A 346 7.53 8.26 10.74
N LEU A 347 8.21 9.17 10.03
CA LEU A 347 9.33 8.76 9.11
C LEU A 347 10.47 8.09 9.88
N PRO A 348 10.95 8.60 11.04
CA PRO A 348 12.08 7.99 11.74
C PRO A 348 11.83 6.51 12.09
N PHE A 349 10.67 6.21 12.71
CA PHE A 349 10.24 4.85 13.11
C PHE A 349 10.19 3.92 11.89
N PHE A 350 9.50 4.32 10.81
CA PHE A 350 9.30 3.47 9.60
C PHE A 350 10.58 3.40 8.76
N LEU A 351 11.46 4.40 8.84
CA LEU A 351 12.79 4.36 8.19
C LEU A 351 13.65 3.30 8.89
N VAL A 352 13.78 3.43 10.21
CA VAL A 352 14.50 2.48 11.12
C VAL A 352 13.93 1.05 10.93
N ASN A 353 12.62 0.91 10.76
CA ASN A 353 11.90 -0.39 10.63
C ASN A 353 12.33 -1.10 9.34
N ILE A 354 12.50 -0.35 8.24
CA ILE A 354 13.02 -0.89 6.95
C ILE A 354 14.54 -1.14 7.07
N VAL A 355 15.27 -0.35 7.87
CA VAL A 355 16.73 -0.52 8.08
C VAL A 355 17.03 -1.82 8.87
N ASN A 356 16.21 -2.22 9.84
CA ASN A 356 16.35 -3.49 10.62
C ASN A 356 16.31 -4.71 9.71
N VAL A 357 15.46 -4.70 8.68
CA VAL A 357 15.29 -5.77 7.64
C VAL A 357 16.63 -6.01 6.91
N PHE A 358 17.39 -4.96 6.61
CA PHE A 358 18.70 -5.01 5.92
C PHE A 358 19.74 -5.53 6.92
N ASN A 359 20.08 -4.76 7.96
CA ASN A 359 21.09 -5.11 9.01
C ASN A 359 20.45 -4.89 10.39
N ARG A 360 20.35 -5.95 11.21
CA ARG A 360 19.49 -6.00 12.42
C ARG A 360 20.12 -5.18 13.57
N ASP A 361 21.44 -5.24 13.73
CA ASP A 361 22.19 -4.71 14.92
C ASP A 361 22.59 -3.24 14.75
N LEU A 362 22.28 -2.60 13.62
CA LEU A 362 22.77 -1.22 13.27
C LEU A 362 22.12 -0.19 14.21
N VAL A 363 20.79 -0.23 14.35
CA VAL A 363 19.98 0.71 15.18
C VAL A 363 19.68 0.04 16.51
N PRO A 364 19.99 0.68 17.69
CA PRO A 364 19.63 0.10 18.98
C PRO A 364 18.13 -0.04 19.27
N ASP A 365 17.79 -0.90 20.24
CA ASP A 365 16.39 -1.23 20.65
C ASP A 365 15.71 0.03 21.24
N TRP A 366 16.40 0.80 22.08
CA TRP A 366 15.87 2.07 22.70
C TRP A 366 15.45 3.06 21.60
N LEU A 367 16.25 3.22 20.54
CA LEU A 367 16.02 4.20 19.43
C LEU A 367 14.75 3.79 18.69
N PHE A 368 14.65 2.51 18.31
CA PHE A 368 13.46 1.88 17.67
C PHE A 368 12.21 2.19 18.51
N VAL A 369 12.21 1.84 19.80
CA VAL A 369 11.05 2.02 20.71
C VAL A 369 10.75 3.52 20.84
N ALA A 370 11.78 4.36 21.04
CA ALA A 370 11.64 5.84 21.18
C ALA A 370 10.95 6.43 19.95
N PHE A 371 11.35 6.01 18.74
CA PHE A 371 10.75 6.49 17.45
C PHE A 371 9.29 6.02 17.33
N ASN A 372 8.95 4.81 17.82
CA ASN A 372 7.56 4.31 17.88
C ASN A 372 6.73 5.20 18.81
N TRP A 373 7.30 5.68 19.90
CA TRP A 373 6.63 6.65 20.81
C TRP A 373 6.41 7.99 20.11
N LEU A 374 7.38 8.44 19.30
CA LEU A 374 7.29 9.69 18.51
C LEU A 374 6.13 9.59 17.51
N GLY A 375 5.94 8.42 16.89
CA GLY A 375 4.77 8.05 16.05
C GLY A 375 3.45 8.15 16.80
N TYR A 376 3.37 7.62 18.02
CA TYR A 376 2.16 7.70 18.89
C TYR A 376 1.81 9.17 19.17
N ALA A 377 2.82 10.06 19.27
CA ALA A 377 2.64 11.52 19.54
C ALA A 377 1.80 12.19 18.45
N ASN A 378 1.92 11.73 17.19
CA ASN A 378 1.12 12.20 16.03
C ASN A 378 -0.38 12.13 16.35
N SER A 379 -0.85 11.09 17.08
CA SER A 379 -2.27 10.94 17.48
C SER A 379 -2.74 12.12 18.35
N ALA A 380 -1.84 12.76 19.10
CA ALA A 380 -2.11 13.99 19.91
C ALA A 380 -2.05 15.23 19.02
N MET A 381 -1.17 15.25 18.02
CA MET A 381 -0.98 16.37 17.07
C MET A 381 -2.21 16.53 16.15
N ASN A 382 -2.80 15.44 15.65
CA ASN A 382 -3.83 15.48 14.57
C ASN A 382 -5.03 16.35 14.93
N PRO A 383 -5.64 16.27 16.15
CA PRO A 383 -6.68 17.22 16.54
C PRO A 383 -6.28 18.70 16.38
N ILE A 384 -5.06 19.05 16.79
CA ILE A 384 -4.47 20.43 16.71
C ILE A 384 -4.42 20.86 15.24
N ILE A 385 -3.96 19.98 14.34
CA ILE A 385 -3.74 20.27 12.88
C ILE A 385 -5.09 20.38 12.18
N TYR A 386 -5.94 19.35 12.30
CA TYR A 386 -7.09 19.11 11.38
C TYR A 386 -8.42 19.71 11.89
N CYS A 387 -8.47 20.37 13.06
CA CYS A 387 -9.74 20.89 13.64
C CYS A 387 -9.58 22.35 14.08
N ARG A 388 -8.98 23.18 13.21
CA ARG A 388 -8.74 24.63 13.42
C ARG A 388 -9.86 25.48 12.78
N SER A 389 -10.90 24.88 12.17
CA SER A 389 -11.94 25.62 11.41
C SER A 389 -12.74 26.50 12.38
N PRO A 390 -13.19 27.72 11.97
CA PRO A 390 -14.02 28.55 12.83
C PRO A 390 -15.17 27.78 13.50
N ASP A 391 -15.91 26.99 12.71
CA ASP A 391 -16.99 26.07 13.17
C ASP A 391 -16.49 25.10 14.25
N PHE A 392 -15.26 24.57 14.13
CA PHE A 392 -14.62 23.69 15.15
C PHE A 392 -14.38 24.51 16.43
N ARG A 393 -13.76 25.69 16.31
CA ARG A 393 -13.39 26.58 17.45
C ARG A 393 -14.66 27.00 18.22
N LYS A 394 -15.75 27.34 17.52
CA LYS A 394 -17.06 27.71 18.13
C LYS A 394 -17.59 26.54 18.98
N ALA A 395 -17.64 25.34 18.39
CA ALA A 395 -18.16 24.09 19.01
C ALA A 395 -17.30 23.71 20.22
N PHE A 396 -15.96 23.79 20.12
CA PHE A 396 -15.01 23.44 21.22
C PHE A 396 -15.30 24.33 22.45
N LYS A 397 -15.50 25.63 22.23
CA LYS A 397 -15.78 26.62 23.32
C LYS A 397 -17.15 26.31 23.92
N ARG A 398 -18.15 26.00 23.09
CA ARG A 398 -19.53 25.58 23.50
C ARG A 398 -19.48 24.32 24.38
N LEU A 399 -18.64 23.33 24.04
CA LEU A 399 -18.51 22.06 24.82
C LEU A 399 -17.79 22.29 26.15
N LEU A 400 -16.86 23.23 26.24
CA LEU A 400 -16.10 23.56 27.48
C LEU A 400 -16.83 24.64 28.29
N ALA A 401 -18.07 24.33 28.70
CA ALA A 401 -18.94 25.13 29.59
C ALA A 401 -19.25 26.49 28.97
N VAL B 3 -11.48 42.17 3.74
CA VAL B 3 -12.08 41.79 2.42
C VAL B 3 -13.50 42.36 2.35
N GLN B 4 -13.81 43.16 1.32
CA GLN B 4 -15.14 43.75 1.04
C GLN B 4 -15.60 43.30 -0.35
N LEU B 5 -16.87 42.90 -0.46
CA LEU B 5 -17.56 42.52 -1.73
C LEU B 5 -18.56 43.62 -2.11
N GLN B 6 -18.16 44.51 -3.03
CA GLN B 6 -18.97 45.67 -3.52
C GLN B 6 -19.85 45.18 -4.69
N GLU B 7 -21.18 45.29 -4.55
CA GLU B 7 -22.18 44.79 -5.55
C GLU B 7 -22.79 45.95 -6.33
N SER B 8 -22.79 45.84 -7.66
CA SER B 8 -23.46 46.79 -8.59
C SER B 8 -24.20 46.03 -9.67
N GLY B 9 -25.10 46.72 -10.37
CA GLY B 9 -25.70 46.29 -11.66
C GLY B 9 -27.16 45.91 -11.54
N GLY B 10 -27.67 45.79 -10.31
CA GLY B 10 -29.07 45.40 -10.04
C GLY B 10 -30.03 46.54 -10.33
N GLY B 11 -31.32 46.29 -10.08
CA GLY B 11 -32.38 47.33 -10.06
C GLY B 11 -33.69 46.83 -10.63
N LEU B 12 -34.44 47.73 -11.25
CA LEU B 12 -35.74 47.45 -11.91
C LEU B 12 -35.50 47.27 -13.41
N VAL B 13 -36.14 46.25 -14.00
CA VAL B 13 -36.09 45.96 -15.45
C VAL B 13 -37.37 45.23 -15.87
N GLN B 14 -37.88 45.51 -17.08
CA GLN B 14 -39.09 44.87 -17.67
C GLN B 14 -38.76 43.38 -17.93
N ALA B 15 -39.76 42.50 -17.75
CA ALA B 15 -39.71 41.06 -18.14
C ALA B 15 -39.30 40.93 -19.62
N GLY B 16 -38.45 39.95 -19.91
CA GLY B 16 -37.78 39.80 -21.23
C GLY B 16 -36.47 40.59 -21.31
N GLY B 17 -36.21 41.49 -20.35
CA GLY B 17 -35.05 42.41 -20.34
C GLY B 17 -33.79 41.72 -19.87
N SER B 18 -32.67 42.45 -19.85
CA SER B 18 -31.35 41.97 -19.35
C SER B 18 -30.82 42.89 -18.26
N LEU B 19 -30.09 42.32 -17.29
CA LEU B 19 -29.20 43.03 -16.35
C LEU B 19 -27.82 42.36 -16.34
N ARG B 20 -26.81 43.10 -15.90
CA ARG B 20 -25.43 42.58 -15.70
C ARG B 20 -24.98 42.96 -14.28
N LEU B 21 -24.99 41.99 -13.35
CA LEU B 21 -24.44 42.18 -12.00
C LEU B 21 -22.92 42.09 -12.08
N SER B 22 -22.25 42.88 -11.24
CA SER B 22 -20.77 42.90 -11.03
C SER B 22 -20.50 42.88 -9.53
N CYS B 23 -19.53 42.07 -9.10
CA CYS B 23 -19.03 42.05 -7.70
C CYS B 23 -17.51 42.15 -7.70
N ALA B 24 -16.96 43.27 -7.24
CA ALA B 24 -15.51 43.55 -7.13
C ALA B 24 -15.07 43.24 -5.69
N ALA B 25 -14.34 42.14 -5.51
CA ALA B 25 -13.79 41.69 -4.21
C ALA B 25 -12.46 42.42 -3.99
N SER B 26 -12.49 43.47 -3.17
CA SER B 26 -11.28 44.19 -2.68
C SER B 26 -10.82 43.54 -1.38
N GLY B 27 -9.73 42.78 -1.41
CA GLY B 27 -9.02 42.30 -0.20
C GLY B 27 -8.26 41.03 -0.47
N SER B 28 -7.49 40.55 0.50
CA SER B 28 -6.61 39.34 0.38
C SER B 28 -7.48 38.08 0.28
N ILE B 29 -7.46 37.47 -0.91
CA ILE B 29 -8.11 36.16 -1.24
C ILE B 29 -7.01 35.23 -1.76
N PHE B 30 -7.08 33.94 -1.41
CA PHE B 30 -6.16 32.87 -1.87
C PHE B 30 -6.35 32.69 -3.39
N SER B 31 -5.25 32.48 -4.12
CA SER B 31 -5.22 32.22 -5.60
C SER B 31 -6.36 31.30 -6.01
N ILE B 32 -6.58 30.21 -5.27
CA ILE B 32 -7.65 29.21 -5.52
C ILE B 32 -8.90 29.65 -4.74
N ASN B 33 -10.00 29.92 -5.42
CA ASN B 33 -11.28 30.35 -4.80
C ASN B 33 -12.45 30.09 -5.75
N THR B 34 -13.67 30.22 -5.25
CA THR B 34 -14.92 30.08 -6.03
C THR B 34 -15.78 31.32 -5.77
N MET B 35 -15.89 32.20 -6.76
CA MET B 35 -16.77 33.40 -6.73
C MET B 35 -18.13 33.02 -7.31
N GLY B 36 -19.19 33.51 -6.68
CA GLY B 36 -20.55 33.03 -6.96
C GLY B 36 -21.60 34.08 -6.70
N TRP B 37 -22.77 33.85 -7.30
CA TRP B 37 -24.00 34.64 -7.10
C TRP B 37 -25.03 33.71 -6.47
N TYR B 38 -25.50 34.07 -5.28
CA TYR B 38 -26.67 33.48 -4.59
C TYR B 38 -27.79 34.51 -4.71
N ARG B 39 -29.05 34.07 -4.60
CA ARG B 39 -30.23 34.97 -4.46
C ARG B 39 -31.13 34.46 -3.34
N GLN B 40 -31.88 35.37 -2.71
CA GLN B 40 -32.98 35.04 -1.77
C GLN B 40 -34.22 35.78 -2.26
N ALA B 41 -35.19 35.05 -2.84
CA ALA B 41 -36.51 35.57 -3.25
C ALA B 41 -37.33 35.85 -2.00
N PRO B 42 -38.37 36.73 -2.03
CA PRO B 42 -39.22 36.95 -0.86
C PRO B 42 -39.93 35.66 -0.43
N GLY B 43 -39.90 35.37 0.89
CA GLY B 43 -40.47 34.16 1.51
C GLY B 43 -39.91 32.86 0.96
N LYS B 44 -38.64 32.83 0.52
CA LYS B 44 -37.90 31.60 0.13
C LYS B 44 -36.55 31.58 0.85
N GLN B 45 -35.85 30.43 0.82
CA GLN B 45 -34.48 30.29 1.37
C GLN B 45 -33.47 30.76 0.30
N ARG B 46 -32.28 31.20 0.73
CA ARG B 46 -31.15 31.56 -0.16
C ARG B 46 -30.79 30.34 -1.03
N GLU B 47 -30.51 30.53 -2.32
CA GLU B 47 -30.16 29.44 -3.27
C GLU B 47 -29.06 29.94 -4.23
N LEU B 48 -28.16 29.05 -4.61
CA LEU B 48 -27.10 29.32 -5.63
C LEU B 48 -27.78 29.62 -6.97
N VAL B 49 -27.41 30.74 -7.58
CA VAL B 49 -27.76 31.13 -8.98
C VAL B 49 -26.67 30.52 -9.86
N ALA B 50 -25.42 30.96 -9.69
CA ALA B 50 -24.25 30.60 -10.52
C ALA B 50 -22.97 30.76 -9.70
N ALA B 51 -21.93 29.99 -10.06
CA ALA B 51 -20.60 30.00 -9.42
C ALA B 51 -19.54 29.66 -10.46
N ILE B 52 -18.39 30.33 -10.37
CA ILE B 52 -17.20 30.11 -11.25
C ILE B 52 -15.99 29.93 -10.35
N HIS B 53 -15.32 28.78 -10.49
CA HIS B 53 -14.04 28.45 -9.81
C HIS B 53 -12.92 29.28 -10.43
N SER B 54 -11.84 29.53 -9.69
CA SER B 54 -10.59 30.16 -10.18
C SER B 54 -10.05 29.41 -11.41
N GLY B 55 -10.09 28.08 -11.36
CA GLY B 55 -9.73 27.15 -12.44
C GLY B 55 -10.58 27.28 -13.70
N GLY B 56 -11.78 27.87 -13.60
CA GLY B 56 -12.61 28.26 -14.76
C GLY B 56 -13.83 27.38 -14.96
N SER B 57 -13.95 26.29 -14.16
CA SER B 57 -15.19 25.48 -13.97
C SER B 57 -16.35 26.43 -13.66
N THR B 58 -17.57 26.11 -14.13
CA THR B 58 -18.81 26.86 -13.81
C THR B 58 -19.88 25.88 -13.33
N ASN B 59 -20.83 26.38 -12.54
CA ASN B 59 -21.97 25.60 -12.01
C ASN B 59 -23.18 26.54 -11.90
N TYR B 60 -24.28 26.22 -12.58
CA TYR B 60 -25.52 27.04 -12.68
C TYR B 60 -26.71 26.24 -12.15
N ALA B 61 -27.65 26.92 -11.48
CA ALA B 61 -29.00 26.40 -11.18
C ALA B 61 -29.74 26.13 -12.50
N ASN B 62 -30.57 25.09 -12.55
CA ASN B 62 -31.31 24.65 -13.76
C ASN B 62 -32.29 25.75 -14.22
N SER B 63 -32.91 26.46 -13.28
CA SER B 63 -33.84 27.60 -13.51
C SER B 63 -33.21 28.67 -14.42
N VAL B 64 -31.91 28.95 -14.26
CA VAL B 64 -31.18 30.06 -14.93
C VAL B 64 -30.26 29.55 -16.06
N LYS B 65 -30.23 28.24 -16.36
CA LYS B 65 -29.39 27.69 -17.47
C LYS B 65 -29.92 28.21 -18.82
N GLY B 66 -29.03 28.54 -19.75
CA GLY B 66 -29.38 29.10 -21.07
C GLY B 66 -29.51 30.63 -21.04
N ARG B 67 -29.91 31.21 -19.91
CA ARG B 67 -30.27 32.65 -19.76
C ARG B 67 -29.11 33.41 -19.14
N PHE B 68 -28.62 32.93 -17.99
CA PHE B 68 -27.60 33.58 -17.12
C PHE B 68 -26.23 32.99 -17.44
N THR B 69 -25.20 33.84 -17.59
CA THR B 69 -23.78 33.45 -17.82
C THR B 69 -22.88 34.14 -16.78
N ILE B 70 -22.12 33.35 -16.02
CA ILE B 70 -21.15 33.82 -14.99
C ILE B 70 -19.74 33.78 -15.59
N SER B 71 -18.97 34.82 -15.33
CA SER B 71 -17.58 35.03 -15.80
C SER B 71 -16.87 35.78 -14.69
N ARG B 72 -15.55 35.70 -14.65
CA ARG B 72 -14.73 36.55 -13.73
C ARG B 72 -13.74 37.35 -14.55
N ASP B 73 -13.27 38.45 -13.96
CA ASP B 73 -12.24 39.35 -14.54
C ASP B 73 -10.92 38.57 -14.59
N ASN B 74 -10.19 38.78 -15.69
CA ASN B 74 -8.98 38.02 -16.09
C ASN B 74 -7.89 38.18 -15.01
N ALA B 75 -7.68 39.41 -14.50
CA ALA B 75 -6.69 39.78 -13.45
C ALA B 75 -7.37 39.87 -12.07
N ALA B 76 -8.28 40.84 -11.89
CA ALA B 76 -8.92 41.21 -10.61
C ALA B 76 -9.85 40.10 -10.09
N ASN B 77 -10.14 40.14 -8.78
CA ASN B 77 -11.20 39.32 -8.13
C ASN B 77 -12.54 40.05 -8.34
N THR B 78 -13.05 40.07 -9.58
CA THR B 78 -14.38 40.66 -9.93
C THR B 78 -15.16 39.63 -10.75
N VAL B 79 -16.39 39.32 -10.35
CA VAL B 79 -17.25 38.29 -10.99
C VAL B 79 -18.48 38.99 -11.57
N TYR B 80 -18.85 38.63 -12.80
CA TYR B 80 -19.98 39.22 -13.59
C TYR B 80 -21.05 38.14 -13.85
N LEU B 81 -22.31 38.41 -13.50
CA LEU B 81 -23.49 37.59 -13.90
C LEU B 81 -24.32 38.39 -14.91
N GLN B 82 -24.16 38.08 -16.20
CA GLN B 82 -24.99 38.62 -17.31
C GLN B 82 -26.31 37.84 -17.28
N MET B 83 -27.43 38.51 -16.94
CA MET B 83 -28.77 37.91 -16.72
C MET B 83 -29.69 38.34 -17.86
N ASN B 84 -29.94 37.46 -18.86
CA ASN B 84 -30.80 37.74 -20.05
C ASN B 84 -32.14 37.04 -19.86
N SER B 85 -33.16 37.42 -20.65
CA SER B 85 -34.53 36.81 -20.66
C SER B 85 -35.10 36.77 -19.23
N LEU B 86 -34.95 37.86 -18.47
CA LEU B 86 -35.36 37.92 -17.04
C LEU B 86 -36.88 37.73 -16.93
N LYS B 87 -37.31 37.08 -15.85
CA LYS B 87 -38.73 36.79 -15.53
C LYS B 87 -39.03 37.31 -14.13
N PRO B 88 -40.30 37.59 -13.75
CA PRO B 88 -40.62 38.02 -12.39
C PRO B 88 -40.27 36.99 -11.29
N GLU B 89 -40.13 35.71 -11.65
CA GLU B 89 -39.59 34.61 -10.80
C GLU B 89 -38.18 34.97 -10.28
N ASP B 90 -37.36 35.66 -11.09
CA ASP B 90 -35.94 35.96 -10.81
C ASP B 90 -35.80 37.12 -9.81
N THR B 91 -36.84 37.92 -9.59
CA THR B 91 -36.89 38.97 -8.54
C THR B 91 -36.39 38.37 -7.22
N ALA B 92 -35.38 39.01 -6.61
CA ALA B 92 -34.69 38.55 -5.38
C ALA B 92 -33.59 39.52 -4.97
N VAL B 93 -33.11 39.40 -3.74
CA VAL B 93 -31.84 40.03 -3.25
C VAL B 93 -30.70 39.10 -3.68
N TYR B 94 -29.85 39.55 -4.61
CA TYR B 94 -28.68 38.78 -5.11
C TYR B 94 -27.46 39.09 -4.26
N TYR B 95 -26.77 38.06 -3.77
CA TYR B 95 -25.55 38.14 -2.92
C TYR B 95 -24.34 37.58 -3.68
N CYS B 96 -23.31 38.41 -3.83
CA CYS B 96 -21.92 37.97 -4.12
C CYS B 96 -21.40 37.10 -2.98
N ASN B 97 -20.75 35.98 -3.30
CA ASN B 97 -20.08 35.07 -2.33
C ASN B 97 -18.68 34.75 -2.85
N VAL B 98 -17.70 34.68 -1.94
CA VAL B 98 -16.31 34.21 -2.21
C VAL B 98 -15.99 33.10 -1.22
N LYS B 99 -15.77 31.88 -1.71
CA LYS B 99 -15.24 30.73 -0.94
C LYS B 99 -13.72 30.70 -1.14
N ASP B 100 -12.99 31.12 -0.11
CA ASP B 100 -11.50 31.13 -0.08
C ASP B 100 -11.02 29.77 0.44
N TYR B 101 -10.00 29.17 -0.20
CA TYR B 101 -9.45 27.83 0.10
C TYR B 101 -8.06 27.89 0.75
N GLY B 102 -7.65 29.05 1.26
CA GLY B 102 -6.31 29.32 1.85
C GLY B 102 -6.04 28.48 3.10
N ALA B 103 -7.06 28.10 3.86
CA ALA B 103 -6.89 27.24 5.06
C ALA B 103 -6.57 25.80 4.66
N VAL B 104 -6.84 25.37 3.43
CA VAL B 104 -6.50 24.02 2.87
C VAL B 104 -7.44 22.94 3.45
N LEU B 105 -7.62 22.88 4.76
CA LEU B 105 -8.45 21.86 5.45
C LEU B 105 -9.92 22.30 5.55
N TYR B 106 -10.21 23.61 5.43
CA TYR B 106 -11.58 24.15 5.33
C TYR B 106 -11.64 25.32 4.35
N GLU B 107 -12.85 25.69 3.93
CA GLU B 107 -13.15 26.90 3.13
C GLU B 107 -13.62 28.00 4.09
N TYR B 108 -13.26 29.26 3.82
CA TYR B 108 -13.79 30.47 4.49
C TYR B 108 -14.81 31.12 3.54
N ASP B 109 -15.98 31.51 4.07
CA ASP B 109 -17.03 32.26 3.31
C ASP B 109 -16.93 33.76 3.59
N TYR B 110 -17.01 34.56 2.53
CA TYR B 110 -17.34 36.01 2.53
C TYR B 110 -18.67 36.20 1.80
N TRP B 111 -19.53 37.11 2.28
CA TRP B 111 -20.84 37.44 1.68
C TRP B 111 -20.94 38.94 1.40
N GLY B 112 -21.50 39.32 0.25
CA GLY B 112 -21.89 40.71 -0.04
C GLY B 112 -23.10 41.13 0.80
N GLN B 113 -23.30 42.44 1.02
CA GLN B 113 -24.52 43.01 1.66
C GLN B 113 -25.78 42.56 0.91
N GLY B 114 -25.69 42.50 -0.42
CA GLY B 114 -26.74 42.03 -1.33
C GLY B 114 -27.37 43.21 -2.05
N THR B 115 -27.66 43.04 -3.35
CA THR B 115 -28.18 44.11 -4.25
C THR B 115 -29.55 43.64 -4.76
N GLN B 116 -30.58 44.49 -4.65
CA GLN B 116 -31.97 44.14 -5.01
C GLN B 116 -32.05 44.06 -6.54
N VAL B 117 -32.67 43.00 -7.05
CA VAL B 117 -33.12 42.88 -8.46
C VAL B 117 -34.63 42.66 -8.42
N THR B 118 -35.41 43.47 -9.13
CA THR B 118 -36.89 43.35 -9.23
C THR B 118 -37.27 43.38 -10.72
N VAL B 119 -37.84 42.29 -11.23
CA VAL B 119 -38.32 42.15 -12.63
C VAL B 119 -39.86 42.26 -12.62
N SER B 120 -40.41 43.23 -13.36
CA SER B 120 -41.86 43.55 -13.46
C SER B 120 -42.42 42.98 -14.77
N SER B 121 -43.73 42.70 -14.80
CA SER B 121 -44.44 41.92 -15.87
C SER B 121 -45.11 42.87 -16.87
N ASP C 2 -27.40 17.39 -13.09
CA ASP C 2 -26.06 17.05 -13.67
C ASP C 2 -26.24 15.85 -14.60
N LYS C 3 -26.34 14.63 -14.04
CA LYS C 3 -26.60 13.34 -14.77
C LYS C 3 -28.11 13.14 -15.04
N ILE C 4 -28.98 13.83 -14.29
CA ILE C 4 -30.48 13.79 -14.44
C ILE C 4 -30.87 14.62 -15.66
N ILE C 5 -31.67 14.02 -16.57
CA ILE C 5 -32.30 14.70 -17.74
C ILE C 5 -33.51 15.49 -17.21
N HIS C 6 -33.72 16.70 -17.74
CA HIS C 6 -34.83 17.63 -17.40
C HIS C 6 -35.76 17.74 -18.61
N LEU C 7 -36.78 16.88 -18.65
CA LEU C 7 -37.63 16.61 -19.84
C LEU C 7 -38.50 17.83 -20.17
N THR C 8 -38.94 17.93 -21.42
CA THR C 8 -40.07 18.78 -21.88
C THR C 8 -41.15 17.84 -22.46
N ASP C 9 -42.20 18.41 -23.07
CA ASP C 9 -43.34 17.67 -23.68
C ASP C 9 -42.88 17.08 -25.03
N ASP C 10 -42.22 17.90 -25.86
CA ASP C 10 -41.70 17.50 -27.20
C ASP C 10 -40.48 16.59 -27.04
N SER C 11 -39.53 16.97 -26.18
CA SER C 11 -38.25 16.24 -25.93
C SER C 11 -38.48 14.89 -25.26
N PHE C 12 -39.67 14.61 -24.69
CA PHE C 12 -40.04 13.32 -24.06
C PHE C 12 -39.84 12.15 -25.04
N ASP C 13 -40.27 12.30 -26.31
CA ASP C 13 -40.13 11.25 -27.36
C ASP C 13 -38.63 10.97 -27.61
N THR C 14 -37.82 12.02 -27.72
CA THR C 14 -36.37 11.96 -28.08
C THR C 14 -35.53 11.50 -26.87
N ASP C 15 -35.81 12.01 -25.68
CA ASP C 15 -34.99 11.82 -24.45
C ASP C 15 -35.31 10.48 -23.77
N VAL C 16 -36.48 9.87 -24.04
CA VAL C 16 -37.05 8.75 -23.22
C VAL C 16 -37.50 7.58 -24.12
N LEU C 17 -38.43 7.80 -25.05
CA LEU C 17 -39.05 6.74 -25.89
C LEU C 17 -38.09 6.26 -26.99
N LYS C 18 -37.42 7.20 -27.66
CA LYS C 18 -36.36 6.94 -28.66
C LYS C 18 -35.07 6.45 -27.97
N ALA C 19 -34.87 6.76 -26.67
CA ALA C 19 -33.58 6.62 -25.95
C ALA C 19 -33.20 5.15 -25.75
N ASP C 20 -31.94 4.82 -26.04
CA ASP C 20 -31.35 3.47 -25.96
C ASP C 20 -31.21 3.10 -24.47
N GLY C 21 -31.63 1.89 -24.09
CA GLY C 21 -31.50 1.38 -22.70
C GLY C 21 -32.53 1.98 -21.77
N ALA C 22 -32.33 1.79 -20.46
CA ALA C 22 -33.35 1.94 -19.39
C ALA C 22 -33.32 3.37 -18.84
N ILE C 23 -34.50 4.00 -18.69
CA ILE C 23 -34.68 5.41 -18.22
C ILE C 23 -35.88 5.50 -17.24
N LEU C 24 -35.62 5.98 -16.03
CA LEU C 24 -36.62 6.18 -14.95
C LEU C 24 -37.17 7.62 -15.03
N VAL C 25 -38.44 7.77 -15.40
CA VAL C 25 -39.17 9.08 -15.50
C VAL C 25 -39.82 9.37 -14.15
N ASP C 26 -39.51 10.51 -13.54
CA ASP C 26 -40.21 11.10 -12.35
C ASP C 26 -41.17 12.20 -12.83
N PHE C 27 -42.47 12.03 -12.55
CA PHE C 27 -43.51 13.08 -12.68
C PHE C 27 -43.66 13.77 -11.32
N TRP C 28 -43.37 15.07 -11.26
CA TRP C 28 -43.39 15.91 -10.03
C TRP C 28 -44.08 17.25 -10.35
N ALA C 29 -44.37 18.05 -9.32
CA ALA C 29 -44.83 19.46 -9.43
C ALA C 29 -44.26 20.29 -8.29
N GLU C 30 -44.15 21.60 -8.49
CA GLU C 30 -43.58 22.55 -7.47
C GLU C 30 -44.61 22.75 -6.33
N TRP C 31 -45.91 22.52 -6.55
CA TRP C 31 -46.97 22.59 -5.51
C TRP C 31 -47.02 21.30 -4.66
N SER C 32 -46.58 20.15 -5.18
CA SER C 32 -46.64 18.83 -4.52
C SER C 32 -45.41 18.64 -3.61
N GLY C 33 -45.61 18.68 -2.29
CA GLY C 33 -44.56 18.47 -1.26
C GLY C 33 -44.06 17.03 -1.21
N PRO C 34 -44.94 16.01 -1.29
CA PRO C 34 -44.50 14.62 -1.48
C PRO C 34 -43.69 14.30 -2.76
N SER C 35 -43.77 15.14 -3.81
CA SER C 35 -42.98 14.99 -5.07
C SER C 35 -41.55 15.49 -4.89
N LYS C 36 -41.36 16.54 -4.08
CA LYS C 36 -40.02 17.09 -3.70
C LYS C 36 -39.28 16.11 -2.78
N MET C 37 -39.98 15.42 -1.88
CA MET C 37 -39.40 14.52 -0.84
C MET C 37 -38.49 13.43 -1.47
N ILE C 38 -38.78 12.99 -2.70
CA ILE C 38 -37.98 11.99 -3.46
C ILE C 38 -36.83 12.65 -4.23
N ALA C 39 -36.91 13.95 -4.57
CA ALA C 39 -35.90 14.71 -5.36
C ALA C 39 -34.47 14.49 -4.86
N PRO C 40 -34.14 14.65 -3.55
CA PRO C 40 -32.79 14.35 -3.05
C PRO C 40 -32.35 12.87 -3.10
N ILE C 41 -33.31 11.93 -3.13
CA ILE C 41 -33.09 10.46 -3.25
C ILE C 41 -32.77 10.12 -4.71
N LEU C 42 -33.45 10.74 -5.68
CA LEU C 42 -33.22 10.55 -7.14
C LEU C 42 -31.84 11.08 -7.57
N ASP C 43 -31.32 12.12 -6.89
CA ASP C 43 -29.94 12.65 -7.06
C ASP C 43 -28.92 11.56 -6.75
N GLU C 44 -29.12 10.84 -5.64
CA GLU C 44 -28.26 9.73 -5.20
C GLU C 44 -28.41 8.53 -6.15
N ILE C 45 -29.63 8.20 -6.59
CA ILE C 45 -29.94 7.04 -7.48
C ILE C 45 -29.31 7.26 -8.86
N ALA C 46 -29.34 8.50 -9.38
CA ALA C 46 -28.75 8.88 -10.69
C ALA C 46 -27.25 8.54 -10.74
N ASP C 47 -26.53 8.73 -9.63
CA ASP C 47 -25.07 8.46 -9.48
C ASP C 47 -24.81 7.00 -9.09
N GLU C 48 -25.57 6.43 -8.13
CA GLU C 48 -25.39 5.04 -7.63
C GLU C 48 -25.76 4.03 -8.72
N TYR C 49 -26.78 4.30 -9.55
CA TYR C 49 -27.18 3.47 -10.72
C TYR C 49 -26.68 4.10 -12.03
N GLN C 50 -25.43 4.59 -12.06
CA GLN C 50 -24.76 5.07 -13.31
C GLN C 50 -24.48 3.84 -14.17
N GLY C 51 -24.85 3.87 -15.46
CA GLY C 51 -24.68 2.74 -16.41
C GLY C 51 -25.85 1.75 -16.39
N LYS C 52 -26.49 1.53 -15.23
CA LYS C 52 -27.67 0.63 -15.04
C LYS C 52 -28.93 1.29 -15.60
N LEU C 53 -29.20 2.55 -15.23
CA LEU C 53 -30.32 3.40 -15.77
C LEU C 53 -29.89 4.87 -15.93
N THR C 54 -30.76 5.67 -16.56
CA THR C 54 -30.74 7.16 -16.63
C THR C 54 -31.96 7.70 -15.88
N VAL C 55 -31.79 8.64 -14.94
CA VAL C 55 -32.93 9.32 -14.24
C VAL C 55 -33.34 10.52 -15.09
N ALA C 56 -34.65 10.65 -15.36
CA ALA C 56 -35.26 11.81 -16.04
C ALA C 56 -36.40 12.36 -15.16
N LYS C 57 -36.52 13.68 -15.05
CA LYS C 57 -37.52 14.41 -14.23
C LYS C 57 -38.39 15.27 -15.16
N LEU C 58 -39.71 15.26 -14.95
CA LEU C 58 -40.71 16.01 -15.77
C LEU C 58 -41.63 16.80 -14.83
N ASN C 59 -41.58 18.13 -14.91
CA ASN C 59 -42.47 19.06 -14.16
C ASN C 59 -43.83 19.09 -14.87
N ILE C 60 -44.91 18.64 -14.18
CA ILE C 60 -46.30 18.57 -14.74
C ILE C 60 -46.88 19.98 -14.94
N ASP C 61 -46.55 20.96 -14.08
CA ASP C 61 -46.97 22.39 -14.22
C ASP C 61 -46.50 22.93 -15.58
N GLN C 62 -45.20 22.80 -15.87
CA GLN C 62 -44.53 23.32 -17.09
C GLN C 62 -44.97 22.53 -18.34
N ASN C 63 -45.11 21.19 -18.23
CA ASN C 63 -45.33 20.25 -19.37
C ASN C 63 -46.57 19.40 -19.09
N PRO C 64 -47.81 19.97 -19.15
CA PRO C 64 -49.02 19.26 -18.73
C PRO C 64 -49.52 18.18 -19.70
N GLY C 65 -49.07 18.20 -20.97
CA GLY C 65 -49.56 17.32 -22.05
C GLY C 65 -49.11 15.86 -21.94
N THR C 66 -47.99 15.57 -21.24
CA THR C 66 -47.30 14.25 -21.24
C THR C 66 -47.95 13.27 -20.26
N ALA C 67 -48.32 13.72 -19.06
CA ALA C 67 -48.78 12.87 -17.93
C ALA C 67 -50.14 12.20 -18.25
N PRO C 68 -51.15 12.90 -18.84
CA PRO C 68 -52.41 12.26 -19.23
C PRO C 68 -52.30 11.07 -20.19
N LYS C 69 -51.29 11.06 -21.08
CA LYS C 69 -51.01 9.99 -22.09
C LYS C 69 -50.70 8.65 -21.42
N TYR C 70 -50.16 8.65 -20.19
CA TYR C 70 -49.76 7.44 -19.40
C TYR C 70 -50.69 7.20 -18.21
N GLY C 71 -51.77 7.98 -18.07
CA GLY C 71 -52.81 7.81 -17.02
C GLY C 71 -52.26 8.02 -15.63
N ILE C 72 -51.65 9.19 -15.39
CA ILE C 72 -51.05 9.58 -14.07
C ILE C 72 -52.17 10.13 -13.15
N ARG C 73 -52.49 9.39 -12.08
CA ARG C 73 -53.59 9.67 -11.11
C ARG C 73 -53.07 10.55 -9.95
N GLY C 74 -51.86 10.30 -9.46
CA GLY C 74 -51.18 11.10 -8.41
C GLY C 74 -49.69 11.26 -8.70
N ILE C 75 -48.99 12.07 -7.89
CA ILE C 75 -47.52 12.33 -7.99
C ILE C 75 -46.91 12.34 -6.59
N PRO C 76 -45.66 11.85 -6.36
CA PRO C 76 -44.75 11.40 -7.42
C PRO C 76 -45.05 9.99 -7.97
N THR C 77 -44.99 9.82 -9.29
CA THR C 77 -45.14 8.52 -10.01
C THR C 77 -43.86 8.29 -10.83
N LEU C 78 -43.22 7.13 -10.63
CA LEU C 78 -41.92 6.74 -11.27
C LEU C 78 -42.19 5.66 -12.33
N LEU C 79 -42.06 6.02 -13.61
CA LEU C 79 -42.22 5.10 -14.77
C LEU C 79 -40.83 4.71 -15.30
N LEU C 80 -40.44 3.44 -15.11
CA LEU C 80 -39.24 2.82 -15.71
C LEU C 80 -39.57 2.40 -17.14
N PHE C 81 -38.86 2.95 -18.13
CA PHE C 81 -39.09 2.72 -19.58
C PHE C 81 -37.93 1.91 -20.18
N LYS C 82 -38.24 0.94 -21.04
CA LYS C 82 -37.27 0.02 -21.71
C LYS C 82 -37.62 -0.11 -23.20
N ASN C 83 -37.00 0.72 -24.05
CA ASN C 83 -37.17 0.77 -25.53
C ASN C 83 -38.61 1.19 -25.88
N GLY C 84 -39.10 2.29 -25.27
CA GLY C 84 -40.42 2.92 -25.54
C GLY C 84 -41.62 2.21 -24.91
N GLU C 85 -41.39 1.33 -23.90
CA GLU C 85 -42.43 0.52 -23.22
C GLU C 85 -42.26 0.66 -21.70
N VAL C 86 -43.37 0.67 -20.96
CA VAL C 86 -43.42 0.88 -19.48
C VAL C 86 -43.17 -0.48 -18.80
N ALA C 87 -41.93 -0.74 -18.37
CA ALA C 87 -41.50 -1.99 -17.71
C ALA C 87 -42.16 -2.07 -16.33
N ALA C 88 -42.04 -1.01 -15.52
CA ALA C 88 -42.49 -0.91 -14.12
C ALA C 88 -43.13 0.46 -13.82
N THR C 89 -43.91 0.51 -12.73
CA THR C 89 -44.55 1.73 -12.17
C THR C 89 -44.37 1.71 -10.64
N LYS C 90 -44.15 2.88 -10.02
CA LYS C 90 -44.21 3.08 -8.54
C LYS C 90 -44.68 4.51 -8.22
N VAL C 91 -45.91 4.63 -7.69
CA VAL C 91 -46.56 5.89 -7.25
C VAL C 91 -46.39 6.02 -5.73
N GLY C 92 -45.96 7.21 -5.26
CA GLY C 92 -45.78 7.54 -3.84
C GLY C 92 -44.36 7.97 -3.52
N ALA C 93 -44.21 8.74 -2.44
CA ALA C 93 -42.92 9.11 -1.81
C ALA C 93 -42.31 7.86 -1.16
N LEU C 94 -41.00 7.70 -1.30
CA LEU C 94 -40.23 6.48 -0.94
C LEU C 94 -39.01 6.89 -0.10
N SER C 95 -38.45 5.94 0.63
CA SER C 95 -37.07 5.98 1.17
C SER C 95 -36.10 5.47 0.08
N LYS C 96 -34.80 5.69 0.28
CA LYS C 96 -33.69 5.14 -0.57
C LYS C 96 -33.78 3.61 -0.57
N GLY C 97 -34.00 2.99 0.61
CA GLY C 97 -34.15 1.53 0.82
C GLY C 97 -35.32 0.92 0.03
N GLN C 98 -36.48 1.58 0.03
CA GLN C 98 -37.71 1.14 -0.69
C GLN C 98 -37.51 1.27 -2.21
N LEU C 99 -36.82 2.32 -2.68
CA LEU C 99 -36.56 2.58 -4.12
C LEU C 99 -35.51 1.61 -4.65
N LYS C 100 -34.44 1.33 -3.89
CA LYS C 100 -33.42 0.29 -4.19
C LYS C 100 -34.10 -1.04 -4.53
N GLU C 101 -35.04 -1.50 -3.68
CA GLU C 101 -35.79 -2.78 -3.86
C GLU C 101 -36.50 -2.82 -5.22
N PHE C 102 -37.24 -1.75 -5.54
CA PHE C 102 -38.03 -1.57 -6.80
C PHE C 102 -37.09 -1.67 -8.01
N LEU C 103 -35.97 -0.94 -7.98
CA LEU C 103 -35.02 -0.81 -9.12
C LEU C 103 -34.29 -2.14 -9.36
N ASP C 104 -33.80 -2.78 -8.29
CA ASP C 104 -33.12 -4.12 -8.32
C ASP C 104 -34.06 -5.16 -8.95
N ALA C 105 -35.33 -5.19 -8.53
CA ALA C 105 -36.39 -6.12 -9.01
C ALA C 105 -36.60 -5.99 -10.53
N ASN C 106 -36.65 -4.76 -11.06
CA ASN C 106 -37.07 -4.46 -12.46
C ASN C 106 -35.86 -4.28 -13.40
N LEU C 107 -34.62 -4.10 -12.90
CA LEU C 107 -33.41 -3.91 -13.75
C LEU C 107 -32.60 -5.22 -13.96
N ALA C 108 -32.87 -6.31 -13.23
CA ALA C 108 -32.03 -7.53 -13.15
C ALA C 108 -31.93 -8.23 -14.52
N GLU C 109 -30.74 -8.23 -15.15
CA GLU C 109 -30.43 -8.89 -16.45
C GLU C 109 -29.17 -9.74 -16.31
N ALA C 112 -25.88 -11.15 -17.12
CA ALA C 112 -25.22 -9.82 -16.81
C ALA C 112 -24.97 -9.64 -15.30
N LYS C 113 -25.75 -10.29 -14.43
CA LYS C 113 -25.47 -10.44 -12.97
C LYS C 113 -24.42 -11.54 -12.76
N VAL C 114 -24.43 -12.60 -13.58
CA VAL C 114 -23.42 -13.69 -13.59
C VAL C 114 -22.06 -13.08 -13.94
N MET C 115 -21.99 -12.32 -15.04
CA MET C 115 -20.80 -11.57 -15.53
C MET C 115 -20.14 -10.78 -14.39
N SER C 116 -20.90 -10.01 -13.61
CA SER C 116 -20.38 -9.13 -12.51
C SER C 116 -19.89 -9.97 -11.31
N LEU C 117 -20.60 -11.04 -10.95
CA LEU C 117 -20.18 -12.00 -9.87
C LEU C 117 -18.88 -12.70 -10.27
N LEU C 118 -18.71 -13.03 -11.57
CA LEU C 118 -17.53 -13.75 -12.11
C LEU C 118 -16.28 -12.86 -12.00
N MET C 119 -16.40 -11.53 -12.14
CA MET C 119 -15.27 -10.57 -11.91
C MET C 119 -14.90 -10.62 -10.42
N ALA C 120 -15.90 -10.68 -9.52
CA ALA C 120 -15.72 -10.69 -8.05
C ALA C 120 -14.93 -11.94 -7.59
N LEU C 121 -15.26 -13.15 -8.08
CA LEU C 121 -14.52 -14.40 -7.69
C LEU C 121 -13.10 -14.34 -8.26
N VAL C 122 -12.90 -13.73 -9.44
CA VAL C 122 -11.56 -13.60 -10.11
C VAL C 122 -10.67 -12.76 -9.18
N VAL C 123 -11.14 -11.59 -8.73
CA VAL C 123 -10.40 -10.72 -7.77
C VAL C 123 -10.09 -11.52 -6.49
N LEU C 124 -11.07 -12.28 -5.97
CA LEU C 124 -10.95 -13.03 -4.69
C LEU C 124 -9.87 -14.12 -4.83
N LEU C 125 -9.88 -14.89 -5.91
CA LEU C 125 -8.86 -15.93 -6.19
C LEU C 125 -7.47 -15.30 -6.36
N ILE C 126 -7.34 -14.23 -7.15
CA ILE C 126 -6.04 -13.55 -7.41
C ILE C 126 -5.48 -13.03 -6.07
N VAL C 127 -6.26 -12.31 -5.27
CA VAL C 127 -5.74 -11.64 -4.03
C VAL C 127 -5.45 -12.74 -3.02
N ALA C 128 -6.41 -13.64 -2.76
CA ALA C 128 -6.28 -14.74 -1.77
C ALA C 128 -5.05 -15.58 -2.14
N GLY C 129 -5.03 -16.13 -3.35
CA GLY C 129 -3.96 -17.01 -3.89
C GLY C 129 -2.58 -16.39 -3.77
N ASN C 130 -2.42 -15.12 -4.17
CA ASN C 130 -1.09 -14.46 -4.28
C ASN C 130 -0.63 -13.99 -2.90
N VAL C 131 -1.52 -13.40 -2.08
CA VAL C 131 -1.20 -12.99 -0.68
C VAL C 131 -0.73 -14.23 0.10
N LEU C 132 -1.38 -15.36 -0.14
CA LEU C 132 -1.10 -16.64 0.54
C LEU C 132 0.30 -17.16 0.17
N VAL C 133 0.74 -16.93 -1.09
CA VAL C 133 2.08 -17.32 -1.61
C VAL C 133 3.17 -16.44 -0.99
N ILE C 134 2.99 -15.11 -1.01
CA ILE C 134 3.95 -14.11 -0.46
C ILE C 134 4.10 -14.39 1.05
N ALA C 135 2.99 -14.61 1.75
CA ALA C 135 2.92 -15.00 3.18
C ALA C 135 3.77 -16.24 3.43
N ALA C 136 3.50 -17.31 2.67
CA ALA C 136 4.14 -18.63 2.78
C ALA C 136 5.65 -18.48 2.60
N ILE C 137 6.09 -17.76 1.58
CA ILE C 137 7.54 -17.55 1.27
C ILE C 137 8.15 -16.66 2.37
N GLY C 138 7.47 -15.58 2.75
CA GLY C 138 7.94 -14.60 3.74
C GLY C 138 8.11 -15.21 5.12
N SER C 139 7.15 -16.05 5.54
CA SER C 139 7.09 -16.65 6.88
C SER C 139 8.08 -17.83 7.02
N THR C 140 8.12 -18.75 6.05
CA THR C 140 8.87 -20.03 6.11
C THR C 140 10.32 -19.85 5.61
N GLN C 141 11.31 -20.21 6.44
CA GLN C 141 12.78 -20.15 6.19
C GLN C 141 13.13 -21.07 5.02
N ARG C 142 12.53 -22.28 5.00
CA ARG C 142 12.76 -23.36 4.01
C ARG C 142 12.32 -22.92 2.60
N LEU C 143 11.29 -22.06 2.48
CA LEU C 143 10.73 -21.59 1.18
C LEU C 143 11.59 -20.49 0.56
N GLN C 144 12.49 -19.83 1.31
CA GLN C 144 13.26 -18.65 0.83
C GLN C 144 14.41 -19.12 -0.07
N THR C 145 14.09 -19.86 -1.14
CA THR C 145 15.06 -20.41 -2.13
C THR C 145 15.26 -19.37 -3.23
N LEU C 146 16.16 -19.65 -4.17
CA LEU C 146 16.51 -18.75 -5.30
C LEU C 146 15.34 -18.67 -6.29
N THR C 147 14.78 -19.82 -6.66
CA THR C 147 13.58 -19.91 -7.55
C THR C 147 12.43 -19.11 -6.94
N ASN C 148 12.15 -19.29 -5.64
CA ASN C 148 11.02 -18.62 -4.95
C ASN C 148 11.21 -17.09 -4.84
N LEU C 149 12.42 -16.60 -5.07
CA LEU C 149 12.68 -15.14 -5.30
C LEU C 149 11.90 -14.68 -6.54
N PHE C 150 12.11 -15.36 -7.68
CA PHE C 150 11.34 -15.12 -8.94
C PHE C 150 9.85 -15.40 -8.73
N ILE C 151 9.48 -16.42 -7.95
CA ILE C 151 8.04 -16.71 -7.64
C ILE C 151 7.46 -15.51 -6.85
N THR C 152 8.26 -14.89 -5.98
CA THR C 152 7.79 -13.73 -5.17
C THR C 152 7.56 -12.49 -6.07
N SER C 153 8.44 -12.27 -7.05
CA SER C 153 8.31 -11.23 -8.12
C SER C 153 6.97 -11.42 -8.82
N LEU C 154 6.71 -12.64 -9.31
CA LEU C 154 5.48 -13.02 -10.02
C LEU C 154 4.29 -12.74 -9.11
N ALA C 155 4.36 -13.17 -7.85
CA ALA C 155 3.26 -13.08 -6.87
C ALA C 155 2.83 -11.63 -6.65
N CYS C 156 3.80 -10.71 -6.59
CA CYS C 156 3.56 -9.25 -6.44
C CYS C 156 2.88 -8.68 -7.70
N ALA C 157 3.36 -9.03 -8.89
CA ALA C 157 2.81 -8.55 -10.17
C ALA C 157 1.33 -8.94 -10.25
N ASP C 158 1.03 -10.21 -10.03
CA ASP C 158 -0.34 -10.77 -10.10
C ASP C 158 -1.21 -10.19 -8.99
N LEU C 159 -0.65 -9.98 -7.79
CA LEU C 159 -1.40 -9.36 -6.65
C LEU C 159 -1.91 -7.97 -7.06
N VAL C 160 -1.02 -7.12 -7.60
CA VAL C 160 -1.34 -5.71 -8.02
C VAL C 160 -2.36 -5.79 -9.17
N VAL C 161 -2.37 -6.86 -9.98
CA VAL C 161 -3.42 -7.09 -11.01
C VAL C 161 -4.79 -7.26 -10.30
N GLY C 162 -4.86 -8.13 -9.28
CA GLY C 162 -6.09 -8.39 -8.51
C GLY C 162 -6.59 -7.19 -7.71
N LEU C 163 -5.70 -6.43 -7.05
CA LEU C 163 -6.09 -5.30 -6.15
C LEU C 163 -6.52 -4.07 -6.96
N LEU C 164 -5.78 -3.67 -7.99
CA LEU C 164 -5.98 -2.36 -8.68
C LEU C 164 -6.47 -2.56 -10.11
N VAL C 165 -5.81 -3.40 -10.91
CA VAL C 165 -6.07 -3.45 -12.37
C VAL C 165 -7.46 -4.03 -12.61
N VAL C 166 -7.78 -5.20 -12.10
CA VAL C 166 -9.07 -5.87 -12.46
C VAL C 166 -10.25 -5.07 -11.91
N PRO C 167 -10.27 -4.60 -10.62
CA PRO C 167 -11.37 -3.79 -10.09
C PRO C 167 -11.76 -2.55 -10.92
N PHE C 168 -10.81 -1.66 -11.18
CA PHE C 168 -10.98 -0.44 -12.01
C PHE C 168 -11.42 -0.83 -13.41
N GLY C 169 -10.95 -1.97 -13.91
CA GLY C 169 -11.44 -2.60 -15.15
C GLY C 169 -12.90 -2.99 -15.03
N ALA C 170 -13.26 -3.70 -13.96
CA ALA C 170 -14.63 -4.18 -13.68
C ALA C 170 -15.61 -3.01 -13.73
N THR C 171 -15.26 -1.88 -13.10
CA THR C 171 -16.14 -0.68 -12.98
C THR C 171 -16.42 -0.10 -14.37
N LEU C 172 -15.40 0.06 -15.21
CA LEU C 172 -15.50 0.57 -16.61
C LEU C 172 -16.46 -0.31 -17.44
N VAL C 173 -16.49 -1.64 -17.23
CA VAL C 173 -17.42 -2.57 -17.92
C VAL C 173 -18.85 -2.27 -17.42
N VAL C 174 -19.06 -2.26 -16.10
CA VAL C 174 -20.39 -2.12 -15.43
C VAL C 174 -20.97 -0.74 -15.77
N ARG C 175 -20.30 0.34 -15.35
CA ARG C 175 -20.75 1.76 -15.53
C ARG C 175 -20.72 2.18 -17.01
N GLY C 176 -19.95 1.49 -17.87
CA GLY C 176 -19.81 1.81 -19.31
C GLY C 176 -19.04 3.10 -19.59
N THR C 177 -18.38 3.69 -18.59
CA THR C 177 -17.66 4.99 -18.67
C THR C 177 -16.61 5.07 -17.54
N TRP C 178 -15.57 5.90 -17.72
CA TRP C 178 -14.45 6.09 -16.76
C TRP C 178 -14.79 7.24 -15.80
N LEU C 179 -15.01 6.95 -14.52
CA LEU C 179 -15.46 7.94 -13.49
C LEU C 179 -14.29 8.69 -12.82
N TRP C 180 -13.03 8.27 -13.01
CA TRP C 180 -11.86 8.69 -12.19
C TRP C 180 -10.91 9.64 -12.93
N GLY C 181 -11.28 10.07 -14.14
CA GLY C 181 -10.65 11.22 -14.84
C GLY C 181 -9.30 10.91 -15.47
N SER C 182 -8.93 11.73 -16.46
CA SER C 182 -7.85 11.53 -17.47
C SER C 182 -6.56 10.96 -16.86
N PHE C 183 -6.11 11.50 -15.72
CA PHE C 183 -4.83 11.12 -15.07
C PHE C 183 -4.89 9.65 -14.62
N LEU C 184 -5.89 9.30 -13.81
CA LEU C 184 -6.05 7.91 -13.30
C LEU C 184 -6.34 6.94 -14.45
N CYS C 185 -6.88 7.37 -15.58
CA CYS C 185 -6.97 6.53 -16.80
C CYS C 185 -5.55 6.17 -17.26
N GLU C 186 -4.68 7.19 -17.42
CA GLU C 186 -3.24 7.03 -17.79
C GLU C 186 -2.51 6.17 -16.75
N LEU C 187 -2.71 6.44 -15.46
CA LEU C 187 -2.02 5.70 -14.37
C LEU C 187 -2.47 4.23 -14.37
N TRP C 188 -3.79 3.99 -14.42
CA TRP C 188 -4.39 2.64 -14.42
C TRP C 188 -3.94 1.83 -15.63
N THR C 189 -3.95 2.43 -16.83
CA THR C 189 -3.50 1.79 -18.09
C THR C 189 -2.01 1.43 -17.97
N SER C 190 -1.17 2.32 -17.46
CA SER C 190 0.26 2.08 -17.20
C SER C 190 0.44 0.94 -16.18
N LEU C 191 -0.35 0.93 -15.11
CA LEU C 191 -0.27 -0.10 -14.04
C LEU C 191 -0.69 -1.47 -14.59
N ASP C 192 -1.69 -1.52 -15.48
CA ASP C 192 -2.10 -2.74 -16.23
C ASP C 192 -0.90 -3.29 -17.00
N VAL C 193 -0.35 -2.49 -17.91
CA VAL C 193 0.73 -2.94 -18.84
C VAL C 193 1.97 -3.27 -18.03
N LEU C 194 2.30 -2.48 -16.98
CA LEU C 194 3.44 -2.75 -16.05
C LEU C 194 3.32 -4.15 -15.46
N CYS C 195 2.20 -4.43 -14.79
CA CYS C 195 2.00 -5.70 -14.03
C CYS C 195 1.85 -6.90 -14.97
N VAL C 196 1.14 -6.79 -16.09
CA VAL C 196 1.02 -7.88 -17.09
C VAL C 196 2.41 -8.14 -17.71
N THR C 197 3.18 -7.11 -18.05
CA THR C 197 4.57 -7.26 -18.59
C THR C 197 5.46 -7.94 -17.54
N ALA C 198 5.45 -7.46 -16.28
CA ALA C 198 6.23 -8.02 -15.15
C ALA C 198 5.87 -9.50 -14.92
N SER C 199 4.58 -9.82 -14.99
CA SER C 199 4.05 -11.21 -14.77
C SER C 199 4.62 -12.15 -15.82
N ILE C 200 4.38 -11.84 -17.09
CA ILE C 200 4.71 -12.75 -18.25
C ILE C 200 6.23 -12.81 -18.41
N GLU C 201 6.96 -11.70 -18.19
CA GLU C 201 8.46 -11.69 -18.25
C GLU C 201 9.02 -12.54 -17.10
N THR C 202 8.47 -12.46 -15.89
CA THR C 202 8.90 -13.28 -14.73
C THR C 202 8.60 -14.77 -14.98
N LEU C 203 7.54 -15.13 -15.71
CA LEU C 203 7.25 -16.54 -16.11
C LEU C 203 8.41 -17.08 -16.97
N CYS C 204 8.83 -16.26 -17.93
CA CYS C 204 10.00 -16.48 -18.82
C CYS C 204 11.29 -16.65 -18.00
N VAL C 205 11.54 -15.80 -16.99
CA VAL C 205 12.76 -15.90 -16.13
C VAL C 205 12.70 -17.20 -15.32
N ILE C 206 11.53 -17.57 -14.78
CA ILE C 206 11.33 -18.85 -14.03
C ILE C 206 11.64 -20.04 -14.97
N ALA C 207 11.18 -20.03 -16.23
CA ALA C 207 11.52 -21.09 -17.22
C ALA C 207 13.04 -21.23 -17.35
N ILE C 208 13.77 -20.11 -17.51
CA ILE C 208 15.25 -20.08 -17.66
C ILE C 208 15.87 -20.62 -16.37
N ASP C 209 15.44 -20.14 -15.20
CA ASP C 209 15.94 -20.58 -13.87
C ASP C 209 15.86 -22.11 -13.77
N ARG C 210 14.66 -22.67 -13.96
CA ARG C 210 14.39 -24.13 -13.85
C ARG C 210 15.19 -24.91 -14.88
N TYR C 211 15.31 -24.42 -16.11
CA TYR C 211 16.10 -25.11 -17.18
C TYR C 211 17.57 -25.22 -16.75
N LEU C 212 18.20 -24.13 -16.31
CA LEU C 212 19.62 -24.18 -15.86
C LEU C 212 19.76 -25.13 -14.67
N ALA C 213 18.91 -24.97 -13.65
CA ALA C 213 18.92 -25.75 -12.38
C ALA C 213 18.75 -27.26 -12.63
N ILE C 214 17.98 -27.65 -13.66
CA ILE C 214 17.65 -29.07 -14.00
C ILE C 214 18.77 -29.66 -14.87
N THR C 215 19.12 -29.01 -15.97
CA THR C 215 20.08 -29.53 -16.99
C THR C 215 21.54 -29.32 -16.56
N SER C 216 21.84 -28.29 -15.76
CA SER C 216 23.23 -27.85 -15.44
C SER C 216 23.38 -27.48 -13.97
N PRO C 217 23.04 -28.39 -13.02
CA PRO C 217 22.84 -28.03 -11.62
C PRO C 217 24.05 -27.40 -10.91
N PHE C 218 25.27 -27.80 -11.27
CA PHE C 218 26.52 -27.39 -10.56
C PHE C 218 26.96 -26.01 -11.07
N ARG C 219 26.89 -25.82 -12.40
CA ARG C 219 27.11 -24.52 -13.08
C ARG C 219 26.10 -23.49 -12.55
N TYR C 220 24.81 -23.85 -12.52
CA TYR C 220 23.68 -22.99 -12.05
C TYR C 220 23.96 -22.44 -10.64
N GLN C 221 24.47 -23.24 -9.70
CA GLN C 221 24.64 -22.83 -8.27
C GLN C 221 25.66 -21.69 -8.17
N SER C 222 26.82 -21.83 -8.80
CA SER C 222 27.92 -20.82 -8.75
C SER C 222 27.54 -19.61 -9.62
N LEU C 223 26.99 -19.86 -10.81
CA LEU C 223 26.61 -18.81 -11.82
C LEU C 223 25.45 -17.96 -11.28
N MET C 224 24.39 -18.56 -10.72
CA MET C 224 23.15 -17.83 -10.27
C MET C 224 23.24 -17.60 -8.76
N THR C 225 23.59 -16.37 -8.37
CA THR C 225 23.65 -15.91 -6.95
C THR C 225 22.29 -15.28 -6.58
N ARG C 226 22.10 -14.95 -5.29
CA ARG C 226 20.93 -14.20 -4.79
C ARG C 226 20.98 -12.77 -5.33
N ALA C 227 22.18 -12.16 -5.32
CA ALA C 227 22.44 -10.80 -5.84
C ALA C 227 22.05 -10.73 -7.33
N ARG C 228 22.44 -11.71 -8.14
CA ARG C 228 22.16 -11.74 -9.59
C ARG C 228 20.64 -11.89 -9.81
N ALA C 229 19.97 -12.80 -9.08
CA ALA C 229 18.50 -13.00 -9.11
C ALA C 229 17.77 -11.68 -8.83
N LYS C 230 18.15 -10.93 -7.78
CA LYS C 230 17.56 -9.61 -7.42
C LYS C 230 17.73 -8.62 -8.58
N VAL C 231 18.91 -8.57 -9.20
CA VAL C 231 19.20 -7.65 -10.34
C VAL C 231 18.29 -8.02 -11.52
N ILE C 232 18.13 -9.33 -11.82
CA ILE C 232 17.24 -9.86 -12.90
C ILE C 232 15.80 -9.39 -12.60
N ILE C 233 15.30 -9.62 -11.38
CA ILE C 233 13.93 -9.21 -10.93
C ILE C 233 13.77 -7.71 -11.18
N CYS C 234 14.70 -6.91 -10.64
CA CYS C 234 14.67 -5.43 -10.75
C CYS C 234 14.68 -5.00 -12.22
N THR C 235 15.44 -5.69 -13.08
CA THR C 235 15.52 -5.42 -14.54
C THR C 235 14.16 -5.65 -15.19
N VAL C 236 13.48 -6.76 -14.87
CA VAL C 236 12.12 -7.11 -15.42
C VAL C 236 11.12 -6.01 -15.03
N TRP C 237 11.18 -5.49 -13.80
CA TRP C 237 10.31 -4.38 -13.35
C TRP C 237 10.71 -3.06 -14.05
N ALA C 238 12.01 -2.79 -14.22
CA ALA C 238 12.52 -1.61 -14.95
C ALA C 238 12.04 -1.63 -16.40
N ILE C 239 12.16 -2.77 -17.10
CA ILE C 239 11.68 -2.97 -18.50
C ILE C 239 10.17 -2.74 -18.54
N SER C 240 9.42 -3.40 -17.65
CA SER C 240 7.94 -3.31 -17.52
C SER C 240 7.53 -1.84 -17.39
N ALA C 241 8.23 -1.04 -16.57
CA ALA C 241 7.99 0.42 -16.38
C ALA C 241 8.24 1.17 -17.70
N LEU C 242 9.38 0.91 -18.35
CA LEU C 242 9.78 1.60 -19.62
C LEU C 242 8.86 1.23 -20.80
N VAL C 243 8.11 0.13 -20.74
CA VAL C 243 7.12 -0.27 -21.79
C VAL C 243 5.72 0.27 -21.43
N SER C 244 5.44 0.48 -20.14
CA SER C 244 4.10 0.86 -19.63
C SER C 244 4.06 2.38 -19.36
N PHE C 245 4.73 2.83 -18.31
CA PHE C 245 4.62 4.23 -17.80
C PHE C 245 5.25 5.18 -18.82
N LEU C 246 6.52 5.00 -19.19
CA LEU C 246 7.25 5.95 -20.09
C LEU C 246 6.43 6.23 -21.35
N PRO C 247 5.96 5.24 -22.15
CA PRO C 247 5.18 5.55 -23.35
C PRO C 247 3.79 6.13 -23.10
N ILE C 248 3.07 5.62 -22.10
CA ILE C 248 1.64 6.00 -21.82
C ILE C 248 1.59 7.41 -21.20
N MET C 249 2.47 7.70 -20.24
CA MET C 249 2.55 9.01 -19.52
C MET C 249 3.08 10.11 -20.45
N MET C 250 3.95 9.80 -21.43
CA MET C 250 4.48 10.74 -22.45
C MET C 250 3.59 10.82 -23.70
N HIS C 251 2.48 10.06 -23.74
CA HIS C 251 1.46 10.07 -24.83
C HIS C 251 2.02 9.46 -26.14
N TRP C 252 3.05 8.62 -26.08
CA TRP C 252 3.70 8.01 -27.28
C TRP C 252 2.83 6.90 -27.86
N TRP C 253 2.11 6.16 -27.01
CA TRP C 253 1.16 5.08 -27.39
C TRP C 253 -0.02 5.60 -28.21
N ARG C 254 -0.37 6.89 -28.05
CA ARG C 254 -1.59 7.55 -28.60
C ARG C 254 -1.63 7.36 -30.13
N ASP C 255 -2.79 6.94 -30.67
CA ASP C 255 -3.07 6.95 -32.13
C ASP C 255 -3.34 8.40 -32.56
N GLU C 256 -2.95 8.78 -33.78
CA GLU C 256 -3.09 10.17 -34.32
C GLU C 256 -4.50 10.37 -34.90
N ASP C 257 -5.22 9.30 -35.29
CA ASP C 257 -6.64 9.25 -35.73
C ASP C 257 -7.51 10.23 -34.92
N PRO C 258 -8.37 11.07 -35.57
CA PRO C 258 -9.19 12.04 -34.83
C PRO C 258 -10.33 11.44 -33.97
N GLN C 259 -10.88 10.29 -34.37
CA GLN C 259 -11.88 9.50 -33.57
C GLN C 259 -11.24 9.05 -32.22
N ALA C 260 -9.94 8.69 -32.26
CA ALA C 260 -9.11 8.39 -31.08
C ALA C 260 -8.88 9.66 -30.25
N LEU C 261 -8.56 10.79 -30.90
CA LEU C 261 -8.31 12.11 -30.23
C LEU C 261 -9.55 12.58 -29.45
N LYS C 262 -10.77 12.25 -29.89
CA LYS C 262 -12.03 12.56 -29.15
C LYS C 262 -12.04 11.83 -27.79
N CYS C 263 -11.57 10.57 -27.75
CA CYS C 263 -11.43 9.74 -26.52
C CYS C 263 -10.33 10.31 -25.60
N TYR C 264 -9.25 10.83 -26.17
CA TYR C 264 -8.09 11.39 -25.41
C TYR C 264 -8.46 12.75 -24.81
N GLN C 265 -9.31 13.53 -25.51
CA GLN C 265 -9.87 14.83 -25.05
C GLN C 265 -10.91 14.63 -23.93
N ASP C 266 -11.81 13.65 -24.05
CA ASP C 266 -12.89 13.33 -23.06
C ASP C 266 -12.30 12.60 -21.86
N PRO C 267 -12.35 13.14 -20.61
CA PRO C 267 -11.95 12.39 -19.41
C PRO C 267 -12.81 11.15 -19.05
N GLY C 268 -14.07 11.12 -19.54
CA GLY C 268 -15.02 10.00 -19.38
C GLY C 268 -14.64 8.78 -20.21
N CYS C 269 -14.00 8.97 -21.36
CA CYS C 269 -13.49 7.87 -22.23
C CYS C 269 -12.12 7.42 -21.70
N CYS C 270 -11.96 6.10 -21.50
CA CYS C 270 -10.66 5.45 -21.16
C CYS C 270 -10.50 4.20 -22.03
N ASP C 271 -10.83 4.32 -23.33
CA ASP C 271 -10.58 3.27 -24.35
C ASP C 271 -9.05 3.15 -24.53
N PHE C 272 -8.57 1.91 -24.61
CA PHE C 272 -7.20 1.50 -25.00
C PHE C 272 -7.19 1.33 -26.53
N VAL C 273 -6.82 2.41 -27.23
CA VAL C 273 -6.47 2.42 -28.68
C VAL C 273 -4.98 2.82 -28.78
N THR C 274 -4.19 2.02 -29.50
CA THR C 274 -2.73 2.17 -29.63
C THR C 274 -2.38 2.42 -31.09
N ASN C 275 -1.30 3.18 -31.34
CA ASN C 275 -0.65 3.21 -32.69
C ASN C 275 -0.11 1.81 -33.02
N ARG C 276 0.32 1.61 -34.27
CA ARG C 276 0.90 0.32 -34.75
C ARG C 276 2.19 0.01 -33.98
N ALA C 277 3.07 1.02 -33.78
CA ALA C 277 4.41 0.88 -33.18
C ALA C 277 4.29 0.37 -31.73
N TYR C 278 3.46 1.02 -30.90
CA TYR C 278 3.29 0.64 -29.48
C TYR C 278 2.66 -0.74 -29.39
N ALA C 279 1.62 -1.02 -30.19
CA ALA C 279 0.91 -2.31 -30.23
C ALA C 279 1.88 -3.45 -30.54
N ILE C 280 2.85 -3.23 -31.44
CA ILE C 280 3.88 -4.25 -31.82
C ILE C 280 4.88 -4.33 -30.67
N ALA C 281 5.54 -3.22 -30.34
CA ALA C 281 6.65 -3.12 -29.36
C ALA C 281 6.22 -3.68 -27.99
N SER C 282 5.08 -3.23 -27.48
CA SER C 282 4.51 -3.67 -26.17
C SER C 282 4.14 -5.16 -26.25
N SER C 283 3.60 -5.66 -27.37
CA SER C 283 3.21 -7.09 -27.55
C SER C 283 4.44 -8.00 -27.56
N ILE C 284 5.50 -7.61 -28.28
CA ILE C 284 6.79 -8.36 -28.37
C ILE C 284 7.43 -8.42 -26.98
N ILE C 285 7.60 -7.27 -26.31
CA ILE C 285 8.33 -7.17 -25.01
C ILE C 285 7.48 -7.82 -23.90
N SER C 286 6.16 -7.65 -23.89
CA SER C 286 5.27 -8.20 -22.84
C SER C 286 4.99 -9.68 -23.04
N PHE C 287 4.91 -10.21 -24.27
CA PHE C 287 4.36 -11.58 -24.52
C PHE C 287 5.25 -12.44 -25.43
N TYR C 288 5.55 -12.01 -26.65
CA TYR C 288 6.11 -12.87 -27.71
C TYR C 288 7.56 -13.27 -27.41
N ILE C 289 8.43 -12.35 -26.98
CA ILE C 289 9.83 -12.69 -26.57
C ILE C 289 9.77 -13.62 -25.36
N PRO C 290 9.03 -13.30 -24.28
CA PRO C 290 8.79 -14.26 -23.20
C PRO C 290 8.30 -15.64 -23.66
N LEU C 291 7.29 -15.68 -24.54
CA LEU C 291 6.69 -16.93 -25.07
C LEU C 291 7.74 -17.73 -25.85
N LEU C 292 8.50 -17.11 -26.75
CA LEU C 292 9.52 -17.83 -27.56
C LEU C 292 10.62 -18.36 -26.64
N ILE C 293 11.09 -17.57 -25.67
CA ILE C 293 12.14 -18.04 -24.71
C ILE C 293 11.58 -19.22 -23.93
N MET C 294 10.36 -19.13 -23.37
CA MET C 294 9.73 -20.26 -22.63
C MET C 294 9.63 -21.51 -23.52
N ILE C 295 9.20 -21.39 -24.79
CA ILE C 295 9.08 -22.54 -25.74
C ILE C 295 10.47 -23.16 -25.93
N PHE C 296 11.46 -22.36 -26.33
CA PHE C 296 12.86 -22.76 -26.60
C PHE C 296 13.46 -23.49 -25.39
N VAL C 297 13.36 -22.87 -24.23
CA VAL C 297 14.02 -23.30 -22.95
C VAL C 297 13.37 -24.62 -22.50
N TYR C 298 12.05 -24.65 -22.34
CA TYR C 298 11.29 -25.85 -21.86
C TYR C 298 11.36 -27.00 -22.88
N LEU C 299 11.56 -26.71 -24.18
CA LEU C 299 11.79 -27.73 -25.24
C LEU C 299 13.11 -28.47 -24.97
N ARG C 300 14.18 -27.74 -24.63
CA ARG C 300 15.52 -28.33 -24.33
C ARG C 300 15.46 -29.21 -23.07
N VAL C 301 14.60 -28.90 -22.09
CA VAL C 301 14.30 -29.80 -20.92
C VAL C 301 13.65 -31.09 -21.45
N TYR C 302 12.66 -30.98 -22.33
CA TYR C 302 11.96 -32.17 -22.90
C TYR C 302 12.96 -33.00 -23.73
N ARG C 303 13.74 -32.36 -24.60
CA ARG C 303 14.72 -33.05 -25.49
C ARG C 303 15.79 -33.76 -24.64
N GLU C 304 16.35 -33.08 -23.63
CA GLU C 304 17.35 -33.64 -22.68
C GLU C 304 16.80 -34.92 -22.05
N ALA C 305 15.58 -34.87 -21.50
CA ALA C 305 14.94 -35.97 -20.74
C ALA C 305 14.63 -37.14 -21.67
N LYS C 306 14.21 -36.86 -22.91
CA LYS C 306 13.94 -37.88 -23.97
C LYS C 306 15.25 -38.57 -24.37
N GLU C 307 16.31 -37.78 -24.66
CA GLU C 307 17.66 -38.32 -25.03
C GLU C 307 18.27 -39.11 -23.87
N GLN C 308 18.02 -38.71 -22.61
CA GLN C 308 18.56 -39.41 -21.42
C GLN C 308 17.87 -40.78 -21.26
N ILE C 309 16.61 -40.92 -21.68
CA ILE C 309 15.90 -42.24 -21.72
C ILE C 309 16.55 -43.11 -22.81
N ARG C 310 16.90 -42.53 -23.97
CA ARG C 310 17.59 -43.24 -25.08
C ARG C 310 18.91 -43.84 -24.56
N LYS C 311 19.67 -43.11 -23.73
CA LYS C 311 20.94 -43.62 -23.11
C LYS C 311 20.66 -44.80 -22.18
N ILE C 312 19.53 -44.84 -21.46
CA ILE C 312 19.13 -45.96 -20.53
C ILE C 312 18.81 -47.22 -21.35
N ASP C 313 18.04 -47.07 -22.45
CA ASP C 313 17.58 -48.18 -23.34
C ASP C 313 18.78 -48.76 -24.11
N ARG C 314 19.67 -47.89 -24.61
CA ARG C 314 20.93 -48.22 -25.33
C ARG C 314 21.88 -49.02 -24.44
N ALA C 315 21.97 -48.65 -23.14
CA ALA C 315 22.91 -49.26 -22.22
C ALA C 315 22.42 -50.62 -21.67
N SER C 316 21.11 -50.90 -21.71
CA SER C 316 20.45 -52.11 -21.14
C SER C 316 20.46 -53.24 -22.18
N ALA C 325 7.44 -44.12 -18.02
CA ALA C 325 7.10 -44.44 -16.62
C ALA C 325 6.39 -43.25 -15.96
N MET C 326 5.84 -43.44 -14.75
CA MET C 326 4.90 -42.51 -14.07
C MET C 326 5.54 -41.10 -13.93
N LYS C 327 6.80 -41.02 -13.48
CA LYS C 327 7.56 -39.76 -13.24
C LYS C 327 7.68 -38.94 -14.54
N GLU C 328 7.97 -39.60 -15.67
CA GLU C 328 8.17 -38.93 -16.98
C GLU C 328 6.82 -38.37 -17.48
N HIS C 329 5.75 -39.15 -17.39
CA HIS C 329 4.39 -38.76 -17.89
C HIS C 329 3.79 -37.65 -17.01
N LYS C 330 4.10 -37.61 -15.70
CA LYS C 330 3.69 -36.50 -14.79
C LYS C 330 4.45 -35.23 -15.16
N ALA C 331 5.77 -35.32 -15.41
CA ALA C 331 6.64 -34.18 -15.83
C ALA C 331 6.10 -33.57 -17.12
N LEU C 332 5.72 -34.42 -18.07
CA LEU C 332 5.17 -34.06 -19.40
C LEU C 332 3.82 -33.34 -19.23
N LYS C 333 3.01 -33.74 -18.24
CA LYS C 333 1.72 -33.08 -17.88
C LYS C 333 2.02 -31.68 -17.33
N THR C 334 2.95 -31.56 -16.37
CA THR C 334 3.36 -30.29 -15.72
C THR C 334 3.84 -29.29 -16.77
N LEU C 335 4.67 -29.75 -17.72
CA LEU C 335 5.11 -28.94 -18.89
C LEU C 335 3.90 -28.50 -19.72
N GLY C 336 2.93 -29.39 -19.92
CA GLY C 336 1.64 -29.12 -20.58
C GLY C 336 0.85 -28.02 -19.89
N ILE C 337 0.73 -28.08 -18.56
CA ILE C 337 0.00 -27.07 -17.72
C ILE C 337 0.71 -25.71 -17.80
N ILE C 338 2.04 -25.68 -17.71
CA ILE C 338 2.84 -24.42 -17.74
C ILE C 338 2.56 -23.72 -19.08
N MET C 339 2.93 -24.35 -20.20
CA MET C 339 2.77 -23.76 -21.56
C MET C 339 1.29 -23.69 -21.93
N GLY C 340 0.45 -24.67 -21.55
CA GLY C 340 -0.99 -24.72 -21.89
C GLY C 340 -1.76 -23.55 -21.31
N VAL C 341 -1.74 -23.38 -19.98
CA VAL C 341 -2.53 -22.36 -19.23
C VAL C 341 -2.03 -20.96 -19.60
N PHE C 342 -0.71 -20.72 -19.59
CA PHE C 342 -0.10 -19.43 -20.00
C PHE C 342 -0.56 -19.04 -21.40
N THR C 343 -0.53 -19.99 -22.37
CA THR C 343 -0.83 -19.73 -23.79
C THR C 343 -2.35 -19.52 -23.97
N LEU C 344 -3.17 -20.44 -23.44
CA LEU C 344 -4.65 -20.33 -23.46
C LEU C 344 -5.08 -18.95 -22.94
N CYS C 345 -4.50 -18.50 -21.82
CA CYS C 345 -4.90 -17.25 -21.14
C CYS C 345 -4.53 -16.00 -21.95
N TRP C 346 -3.31 -15.95 -22.55
CA TRP C 346 -2.69 -14.71 -23.08
C TRP C 346 -2.46 -14.71 -24.59
N LEU C 347 -2.33 -15.88 -25.26
CA LEU C 347 -2.14 -15.91 -26.74
C LEU C 347 -3.35 -15.28 -27.46
N PRO C 348 -4.63 -15.59 -27.13
CA PRO C 348 -5.77 -15.01 -27.84
C PRO C 348 -5.75 -13.47 -27.87
N PHE C 349 -5.58 -12.82 -26.72
CA PHE C 349 -5.52 -11.33 -26.57
C PHE C 349 -4.39 -10.74 -27.42
N PHE C 350 -3.16 -11.27 -27.28
CA PHE C 350 -1.96 -10.73 -27.97
C PHE C 350 -1.93 -11.14 -29.46
N LEU C 351 -2.59 -12.24 -29.83
CA LEU C 351 -2.77 -12.64 -31.25
C LEU C 351 -3.71 -11.62 -31.91
N VAL C 352 -4.89 -11.40 -31.32
CA VAL C 352 -5.92 -10.40 -31.74
C VAL C 352 -5.28 -9.01 -31.82
N ASN C 353 -4.39 -8.66 -30.88
CA ASN C 353 -3.70 -7.34 -30.80
C ASN C 353 -2.77 -7.13 -32.00
N ILE C 354 -2.08 -8.18 -32.47
CA ILE C 354 -1.26 -8.15 -33.73
C ILE C 354 -2.18 -8.18 -34.96
N VAL C 355 -3.34 -8.83 -34.89
CA VAL C 355 -4.34 -8.89 -36.02
C VAL C 355 -4.93 -7.49 -36.27
N ASN C 356 -5.19 -6.68 -35.23
CA ASN C 356 -5.74 -5.29 -35.35
C ASN C 356 -4.81 -4.39 -36.17
N VAL C 357 -3.49 -4.56 -36.01
CA VAL C 357 -2.41 -3.84 -36.75
C VAL C 357 -2.56 -4.04 -38.27
N PHE C 358 -2.95 -5.24 -38.72
CA PHE C 358 -3.26 -5.53 -40.15
C PHE C 358 -4.62 -4.91 -40.50
N ASN C 359 -5.74 -5.49 -40.03
CA ASN C 359 -7.14 -5.03 -40.27
C ASN C 359 -7.92 -4.95 -38.96
N ARG C 360 -8.52 -3.79 -38.67
CA ARG C 360 -9.52 -3.58 -37.58
C ARG C 360 -10.92 -3.94 -38.12
N ASP C 361 -11.92 -4.12 -37.24
CA ASP C 361 -13.35 -4.48 -37.52
C ASP C 361 -13.53 -5.96 -37.89
N LEU C 362 -12.45 -6.70 -38.21
CA LEU C 362 -12.43 -8.19 -38.32
C LEU C 362 -12.81 -8.79 -36.95
N VAL C 363 -12.13 -8.36 -35.88
CA VAL C 363 -12.37 -8.80 -34.47
C VAL C 363 -13.19 -7.71 -33.77
N PRO C 364 -14.37 -8.03 -33.19
CA PRO C 364 -15.13 -7.03 -32.43
C PRO C 364 -14.46 -6.53 -31.14
N ASP C 365 -14.95 -5.39 -30.63
CA ASP C 365 -14.49 -4.72 -29.38
C ASP C 365 -14.71 -5.65 -28.16
N TRP C 366 -15.87 -6.31 -28.05
CA TRP C 366 -16.21 -7.23 -26.92
C TRP C 366 -15.20 -8.39 -26.88
N LEU C 367 -14.82 -8.98 -28.02
CA LEU C 367 -13.89 -10.15 -28.10
C LEU C 367 -12.51 -9.71 -27.58
N PHE C 368 -12.00 -8.58 -28.07
CA PHE C 368 -10.73 -7.96 -27.62
C PHE C 368 -10.72 -7.82 -26.09
N VAL C 369 -11.74 -7.15 -25.54
CA VAL C 369 -11.88 -6.89 -24.07
C VAL C 369 -12.01 -8.25 -23.34
N ALA C 370 -12.84 -9.17 -23.83
CA ALA C 370 -13.05 -10.51 -23.23
C ALA C 370 -11.73 -11.28 -23.14
N PHE C 371 -10.90 -11.27 -24.20
CA PHE C 371 -9.58 -11.93 -24.22
C PHE C 371 -8.61 -11.25 -23.23
N ASN C 372 -8.69 -9.93 -23.04
CA ASN C 372 -7.91 -9.19 -22.01
C ASN C 372 -8.30 -9.67 -20.60
N TRP C 373 -9.59 -9.95 -20.36
CA TRP C 373 -10.08 -10.56 -19.10
C TRP C 373 -9.50 -11.98 -18.92
N LEU C 374 -9.42 -12.76 -20.00
CA LEU C 374 -8.87 -14.15 -20.00
C LEU C 374 -7.39 -14.10 -19.60
N GLY C 375 -6.64 -13.10 -20.08
CA GLY C 375 -5.26 -12.78 -19.66
C GLY C 375 -5.14 -12.49 -18.17
N TYR C 376 -6.04 -11.67 -17.62
CA TYR C 376 -6.07 -11.35 -16.16
C TYR C 376 -6.26 -12.63 -15.35
N ALA C 377 -7.02 -13.62 -15.86
CA ALA C 377 -7.32 -14.90 -15.18
C ALA C 377 -6.03 -15.69 -14.88
N ASN C 378 -5.02 -15.58 -15.76
CA ASN C 378 -3.67 -16.19 -15.58
C ASN C 378 -3.07 -15.80 -14.22
N SER C 379 -3.31 -14.57 -13.74
CA SER C 379 -2.84 -14.08 -12.42
C SER C 379 -3.40 -14.94 -11.27
N ALA C 380 -4.60 -15.53 -11.44
CA ALA C 380 -5.23 -16.46 -10.47
C ALA C 380 -4.66 -17.87 -10.64
N MET C 381 -4.31 -18.25 -11.87
CA MET C 381 -3.74 -19.59 -12.22
C MET C 381 -2.32 -19.76 -11.66
N ASN C 382 -1.48 -18.73 -11.73
CA ASN C 382 -0.03 -18.83 -11.43
C ASN C 382 0.26 -19.37 -10.03
N PRO C 383 -0.40 -18.91 -8.93
CA PRO C 383 -0.24 -19.55 -7.62
C PRO C 383 -0.48 -21.08 -7.63
N ILE C 384 -1.55 -21.52 -8.32
CA ILE C 384 -1.97 -22.93 -8.45
C ILE C 384 -0.86 -23.72 -9.17
N ILE C 385 -0.27 -23.18 -10.24
CA ILE C 385 0.76 -23.88 -11.08
C ILE C 385 2.10 -23.91 -10.32
N TYR C 386 2.59 -22.74 -9.87
CA TYR C 386 4.02 -22.52 -9.50
C TYR C 386 4.31 -22.73 -8.00
N CYS C 387 3.33 -23.10 -7.17
CA CYS C 387 3.51 -23.28 -5.70
C CYS C 387 2.95 -24.62 -5.24
N ARG C 388 3.25 -25.69 -5.97
CA ARG C 388 2.81 -27.07 -5.67
C ARG C 388 3.91 -27.87 -4.95
N SER C 389 5.05 -27.25 -4.57
CA SER C 389 6.19 -27.96 -3.92
C SER C 389 5.74 -28.47 -2.54
N PRO C 390 6.19 -29.67 -2.07
CA PRO C 390 5.81 -30.16 -0.75
C PRO C 390 6.01 -29.11 0.35
N ASP C 391 7.17 -28.41 0.33
CA ASP C 391 7.48 -27.26 1.23
C ASP C 391 6.41 -26.15 1.14
N PHE C 392 5.88 -25.86 -0.05
CA PHE C 392 4.76 -24.89 -0.25
C PHE C 392 3.51 -25.42 0.43
N ARG C 393 3.14 -26.68 0.16
CA ARG C 393 1.90 -27.33 0.67
C ARG C 393 1.92 -27.39 2.21
N LYS C 394 3.07 -27.70 2.81
CA LYS C 394 3.28 -27.72 4.30
C LYS C 394 2.98 -26.33 4.87
N ALA C 395 3.62 -25.30 4.29
CA ALA C 395 3.52 -23.88 4.73
C ALA C 395 2.07 -23.38 4.54
N PHE C 396 1.40 -23.70 3.44
CA PHE C 396 0.00 -23.25 3.17
C PHE C 396 -0.94 -23.80 4.24
N LYS C 397 -0.76 -25.06 4.65
CA LYS C 397 -1.57 -25.70 5.73
C LYS C 397 -1.29 -24.98 7.06
N ARG C 398 -0.01 -24.68 7.34
CA ARG C 398 0.46 -23.95 8.54
C ARG C 398 -0.14 -22.54 8.59
N LEU C 399 -0.25 -21.84 7.44
CA LEU C 399 -0.83 -20.47 7.33
C LEU C 399 -2.35 -20.49 7.60
N LEU C 400 -3.07 -21.53 7.15
CA LEU C 400 -4.53 -21.65 7.37
C LEU C 400 -4.77 -22.59 8.57
N ALA C 401 -4.05 -22.39 9.68
CA ALA C 401 -4.02 -23.33 10.82
C ALA C 401 -5.33 -23.22 11.61
N PHE C 402 -5.59 -22.07 12.23
CA PHE C 402 -6.70 -21.85 13.21
C PHE C 402 -7.39 -20.51 12.95
N GLN D 2 7.09 -46.88 -4.72
CA GLN D 2 7.90 -46.10 -3.74
C GLN D 2 9.40 -46.36 -3.98
N VAL D 3 10.21 -45.30 -4.03
CA VAL D 3 11.68 -45.31 -4.31
C VAL D 3 12.41 -45.61 -3.00
N GLN D 4 13.34 -46.58 -2.99
CA GLN D 4 14.25 -46.93 -1.86
C GLN D 4 15.71 -46.77 -2.32
N LEU D 5 16.57 -46.21 -1.48
CA LEU D 5 18.03 -46.05 -1.74
C LEU D 5 18.84 -47.01 -0.86
N GLN D 6 19.27 -48.15 -1.45
CA GLN D 6 19.98 -49.26 -0.74
C GLN D 6 21.48 -48.98 -0.81
N GLU D 7 22.13 -48.77 0.35
CA GLU D 7 23.57 -48.39 0.47
C GLU D 7 24.39 -49.60 0.92
N SER D 8 25.49 -49.88 0.21
CA SER D 8 26.52 -50.89 0.56
C SER D 8 27.92 -50.31 0.37
N GLY D 9 28.92 -51.01 0.93
CA GLY D 9 30.35 -50.81 0.60
C GLY D 9 31.17 -50.23 1.72
N GLY D 10 30.51 -49.66 2.74
CA GLY D 10 31.16 -49.04 3.91
C GLY D 10 31.76 -50.07 4.86
N GLY D 11 32.34 -49.62 5.97
CA GLY D 11 32.75 -50.47 7.11
C GLY D 11 33.98 -49.95 7.83
N LEU D 12 34.81 -50.86 8.34
CA LEU D 12 36.15 -50.53 8.94
C LEU D 12 37.22 -50.75 7.87
N VAL D 13 38.18 -49.84 7.80
CA VAL D 13 39.34 -49.95 6.87
C VAL D 13 40.51 -49.15 7.45
N GLN D 14 41.73 -49.66 7.26
CA GLN D 14 42.98 -49.01 7.74
C GLN D 14 43.20 -47.72 6.93
N ALA D 15 43.74 -46.69 7.59
CA ALA D 15 44.21 -45.43 6.97
C ALA D 15 45.17 -45.76 5.81
N GLY D 16 45.03 -45.02 4.70
CA GLY D 16 45.74 -45.26 3.43
C GLY D 16 45.01 -46.24 2.54
N GLY D 17 43.99 -46.95 3.07
CA GLY D 17 43.25 -48.00 2.34
C GLY D 17 42.21 -47.42 1.39
N SER D 18 41.50 -48.30 0.68
CA SER D 18 40.36 -47.93 -0.20
C SER D 18 39.06 -48.65 0.22
N LEU D 19 37.93 -48.00 -0.04
CA LEU D 19 36.55 -48.56 -0.04
C LEU D 19 35.84 -48.12 -1.32
N ARG D 20 34.81 -48.86 -1.70
CA ARG D 20 33.90 -48.51 -2.82
C ARG D 20 32.46 -48.59 -2.31
N LEU D 21 31.85 -47.42 -2.06
CA LEU D 21 30.40 -47.30 -1.74
C LEU D 21 29.61 -47.48 -3.04
N SER D 22 28.45 -48.13 -2.94
CA SER D 22 27.45 -48.31 -4.02
C SER D 22 26.07 -47.96 -3.46
N CYS D 23 25.26 -47.24 -4.23
CA CYS D 23 23.85 -46.94 -3.88
C CYS D 23 22.94 -47.25 -5.07
N ALA D 24 22.12 -48.29 -4.96
CA ALA D 24 21.13 -48.73 -5.97
C ALA D 24 19.77 -48.13 -5.63
N ALA D 25 19.32 -47.14 -6.40
CA ALA D 25 18.03 -46.44 -6.24
C ALA D 25 16.96 -47.25 -6.97
N SER D 26 16.22 -48.09 -6.23
CA SER D 26 15.16 -49.00 -6.74
C SER D 26 13.82 -48.26 -6.66
N GLY D 27 13.27 -47.88 -7.82
CA GLY D 27 11.98 -47.18 -7.96
C GLY D 27 12.01 -46.17 -9.09
N SER D 28 10.84 -45.61 -9.43
CA SER D 28 10.64 -44.66 -10.55
C SER D 28 11.29 -43.31 -10.21
N ILE D 29 12.34 -42.94 -10.95
CA ILE D 29 13.05 -41.62 -10.89
C ILE D 29 12.98 -40.98 -12.28
N PHE D 30 12.86 -39.65 -12.36
CA PHE D 30 12.87 -38.86 -13.63
C PHE D 30 14.23 -39.03 -14.31
N SER D 31 14.22 -39.19 -15.64
CA SER D 31 15.40 -39.28 -16.56
C SER D 31 16.49 -38.32 -16.12
N ILE D 32 16.15 -37.06 -15.85
CA ILE D 32 17.09 -36.00 -15.39
C ILE D 32 17.11 -36.02 -13.86
N ASN D 33 18.28 -36.28 -13.28
CA ASN D 33 18.48 -36.32 -11.81
C ASN D 33 19.96 -36.10 -11.47
N THR D 34 20.25 -35.89 -10.18
CA THR D 34 21.61 -35.75 -9.63
C THR D 34 21.76 -36.71 -8.46
N MET D 35 22.54 -37.79 -8.64
CA MET D 35 22.87 -38.79 -7.58
C MET D 35 24.15 -38.34 -6.87
N GLY D 36 24.16 -38.43 -5.53
CA GLY D 36 25.20 -37.83 -4.68
C GLY D 36 25.51 -38.67 -3.45
N TRP D 37 26.69 -38.44 -2.88
CA TRP D 37 27.11 -38.95 -1.57
C TRP D 37 27.32 -37.73 -0.69
N TYR D 38 26.58 -37.68 0.43
CA TYR D 38 26.78 -36.76 1.57
C TYR D 38 27.37 -37.58 2.72
N ARG D 39 28.06 -36.93 3.65
CA ARG D 39 28.51 -37.56 4.92
C ARG D 39 28.19 -36.63 6.09
N GLN D 40 28.02 -37.19 7.29
CA GLN D 40 27.92 -36.46 8.57
C GLN D 40 28.91 -37.08 9.55
N ALA D 41 30.01 -36.39 9.85
CA ALA D 41 30.98 -36.80 10.91
C ALA D 41 30.34 -36.57 12.28
N PRO D 42 30.76 -37.24 13.37
CA PRO D 42 30.12 -37.06 14.68
C PRO D 42 30.24 -35.61 15.17
N GLY D 43 29.12 -35.05 15.66
CA GLY D 43 28.99 -33.67 16.16
C GLY D 43 29.34 -32.60 15.14
N LYS D 44 29.12 -32.86 13.84
CA LYS D 44 29.23 -31.86 12.73
C LYS D 44 27.93 -31.93 11.91
N GLN D 45 27.72 -30.96 11.02
CA GLN D 45 26.58 -30.98 10.07
C GLN D 45 26.95 -31.81 8.84
N ARG D 46 25.93 -32.35 8.17
CA ARG D 46 26.00 -33.06 6.86
C ARG D 46 26.70 -32.16 5.83
N GLU D 47 27.58 -32.73 5.02
CA GLU D 47 28.32 -32.02 3.93
C GLU D 47 28.35 -32.90 2.67
N LEU D 48 28.24 -32.29 1.49
CA LEU D 48 28.41 -32.99 0.19
C LEU D 48 29.84 -33.51 0.10
N VAL D 49 29.97 -34.81 -0.20
CA VAL D 49 31.25 -35.50 -0.53
C VAL D 49 31.44 -35.35 -2.05
N ALA D 50 30.53 -35.93 -2.83
CA ALA D 50 30.58 -36.01 -4.31
C ALA D 50 29.17 -36.17 -4.89
N ALA D 51 28.97 -35.69 -6.12
CA ALA D 51 27.67 -35.72 -6.84
C ALA D 51 27.93 -35.83 -8.34
N ILE D 52 27.08 -36.58 -9.04
CA ILE D 52 27.14 -36.78 -10.52
C ILE D 52 25.73 -36.56 -11.08
N HIS D 53 25.60 -35.66 -12.06
CA HIS D 53 24.35 -35.37 -12.83
C HIS D 53 24.07 -36.52 -13.80
N SER D 54 22.81 -36.72 -14.21
CA SER D 54 22.40 -37.68 -15.28
C SER D 54 23.16 -37.40 -16.59
N GLY D 55 23.33 -36.11 -16.92
CA GLY D 55 24.14 -35.60 -18.04
C GLY D 55 25.62 -35.97 -17.96
N GLY D 56 26.16 -36.26 -16.77
CA GLY D 56 27.52 -36.79 -16.58
C GLY D 56 28.49 -35.79 -15.95
N SER D 57 28.05 -34.54 -15.75
CA SER D 57 28.75 -33.52 -14.91
C SER D 57 29.06 -34.12 -13.52
N THR D 58 30.17 -33.75 -12.90
CA THR D 58 30.54 -34.17 -11.52
C THR D 58 30.91 -32.95 -10.67
N ASN D 59 30.76 -33.06 -9.34
CA ASN D 59 31.09 -31.99 -8.37
C ASN D 59 31.57 -32.68 -7.08
N TYR D 60 32.78 -32.34 -6.61
CA TYR D 60 33.46 -32.93 -5.43
C TYR D 60 33.78 -31.84 -4.41
N ALA D 61 33.66 -32.14 -3.12
CA ALA D 61 34.21 -31.31 -2.02
C ALA D 61 35.74 -31.28 -2.15
N ASN D 62 36.38 -30.16 -1.79
CA ASN D 62 37.84 -29.93 -1.94
C ASN D 62 38.63 -30.96 -1.10
N SER D 63 38.13 -31.29 0.10
CA SER D 63 38.71 -32.29 1.05
C SER D 63 38.93 -33.64 0.38
N VAL D 64 38.03 -34.07 -0.52
CA VAL D 64 38.02 -35.43 -1.14
C VAL D 64 38.48 -35.39 -2.61
N LYS D 65 38.86 -34.22 -3.17
CA LYS D 65 39.30 -34.12 -4.59
C LYS D 65 40.61 -34.88 -4.78
N GLY D 66 40.76 -35.59 -5.91
CA GLY D 66 41.94 -36.41 -6.22
C GLY D 66 41.90 -37.81 -5.62
N ARG D 67 41.21 -38.00 -4.48
CA ARG D 67 41.15 -39.26 -3.70
C ARG D 67 39.89 -40.04 -4.08
N PHE D 68 38.74 -39.38 -3.98
CA PHE D 68 37.38 -39.94 -4.19
C PHE D 68 36.97 -39.67 -5.64
N THR D 69 36.42 -40.68 -6.31
CA THR D 69 35.86 -40.61 -7.69
C THR D 69 34.41 -41.12 -7.69
N ILE D 70 33.46 -40.29 -8.16
CA ILE D 70 32.01 -40.63 -8.28
C ILE D 70 31.73 -40.99 -9.73
N SER D 71 30.95 -42.04 -9.92
CA SER D 71 30.51 -42.57 -11.24
C SER D 71 29.10 -43.13 -11.03
N ARG D 72 28.33 -43.26 -12.10
CA ARG D 72 26.98 -43.87 -12.03
C ARG D 72 26.88 -44.97 -13.07
N ASP D 73 25.97 -45.92 -12.81
CA ASP D 73 25.81 -47.15 -13.62
C ASP D 73 25.16 -46.74 -14.94
N ASN D 74 25.60 -47.39 -16.02
CA ASN D 74 25.22 -47.08 -17.44
C ASN D 74 23.70 -47.24 -17.62
N ALA D 75 23.09 -48.33 -17.08
CA ALA D 75 21.66 -48.69 -17.23
C ALA D 75 20.86 -48.27 -15.98
N ALA D 76 21.11 -48.90 -14.84
CA ALA D 76 20.36 -48.73 -13.56
C ALA D 76 20.66 -47.35 -12.94
N ASN D 77 19.78 -46.89 -12.04
CA ASN D 77 20.03 -45.72 -11.16
C ASN D 77 20.84 -46.21 -9.95
N THR D 78 22.14 -46.44 -10.18
CA THR D 78 23.14 -46.83 -9.14
C THR D 78 24.36 -45.92 -9.24
N VAL D 79 24.81 -45.38 -8.11
CA VAL D 79 25.96 -44.42 -8.03
C VAL D 79 27.04 -45.07 -7.18
N TYR D 80 28.30 -44.98 -7.63
CA TYR D 80 29.51 -45.57 -6.98
C TYR D 80 30.47 -44.45 -6.56
N LEU D 81 30.86 -44.42 -5.27
CA LEU D 81 31.95 -43.56 -4.72
C LEU D 81 33.15 -44.44 -4.37
N GLN D 82 34.14 -44.51 -5.27
CA GLN D 82 35.46 -45.15 -5.06
C GLN D 82 36.29 -44.24 -4.17
N MET D 83 36.55 -44.63 -2.91
CA MET D 83 37.20 -43.79 -1.87
C MET D 83 38.61 -44.34 -1.60
N ASN D 84 39.66 -43.72 -2.17
CA ASN D 84 41.09 -44.13 -2.04
C ASN D 84 41.78 -43.20 -1.04
N SER D 85 42.96 -43.58 -0.54
CA SER D 85 43.83 -42.78 0.37
C SER D 85 43.01 -42.28 1.58
N LEU D 86 42.18 -43.15 2.16
CA LEU D 86 41.25 -42.78 3.27
C LEU D 86 42.06 -42.31 4.50
N LYS D 87 41.51 -41.34 5.24
CA LYS D 87 42.11 -40.76 6.46
C LYS D 87 41.09 -40.86 7.59
N PRO D 88 41.50 -40.83 8.89
CA PRO D 88 40.54 -40.88 9.99
C PRO D 88 39.55 -39.69 10.04
N GLU D 89 39.92 -38.57 9.41
CA GLU D 89 39.04 -37.39 9.15
C GLU D 89 37.77 -37.81 8.39
N ASP D 90 37.89 -38.77 7.45
CA ASP D 90 36.78 -39.21 6.54
C ASP D 90 35.74 -40.07 7.27
N THR D 91 36.06 -40.62 8.44
CA THR D 91 35.12 -41.36 9.31
C THR D 91 33.83 -40.54 9.46
N ALA D 92 32.69 -41.14 9.14
CA ALA D 92 31.35 -40.49 9.09
C ALA D 92 30.26 -41.48 8.68
N VAL D 93 29.00 -41.09 8.89
CA VAL D 93 27.81 -41.77 8.29
C VAL D 93 27.64 -41.20 6.88
N TYR D 94 27.85 -42.01 5.84
CA TYR D 94 27.69 -41.61 4.41
C TYR D 94 26.26 -41.89 3.95
N TYR D 95 25.59 -40.88 3.37
CA TYR D 95 24.19 -40.94 2.86
C TYR D 95 24.18 -40.78 1.34
N CYS D 96 23.61 -41.76 0.65
CA CYS D 96 23.15 -41.65 -0.76
C CYS D 96 22.02 -40.63 -0.82
N ASN D 97 22.05 -39.79 -1.85
CA ASN D 97 21.02 -38.76 -2.17
C ASN D 97 20.66 -38.86 -3.66
N VAL D 98 19.38 -38.70 -3.99
CA VAL D 98 18.87 -38.55 -5.38
C VAL D 98 18.01 -37.30 -5.41
N LYS D 99 18.41 -36.29 -6.19
CA LYS D 99 17.61 -35.08 -6.52
C LYS D 99 16.90 -35.35 -7.84
N ASP D 100 15.60 -35.67 -7.78
CA ASP D 100 14.68 -35.91 -8.94
C ASP D 100 14.15 -34.55 -9.41
N TYR D 101 14.14 -34.30 -10.72
CA TYR D 101 13.73 -33.01 -11.37
C TYR D 101 12.39 -33.15 -12.12
N GLY D 102 11.61 -34.21 -11.86
CA GLY D 102 10.35 -34.54 -12.56
C GLY D 102 9.25 -33.52 -12.34
N ALA D 103 9.25 -32.82 -11.21
CA ALA D 103 8.31 -31.73 -10.89
C ALA D 103 8.57 -30.49 -11.75
N VAL D 104 9.78 -30.32 -12.33
CA VAL D 104 10.17 -29.22 -13.27
C VAL D 104 10.39 -27.90 -12.49
N LEU D 105 9.44 -27.50 -11.65
CA LEU D 105 9.48 -26.21 -10.89
C LEU D 105 10.21 -26.37 -9.54
N TYR D 106 10.34 -27.59 -9.03
CA TYR D 106 11.14 -27.90 -7.81
C TYR D 106 11.87 -29.24 -7.98
N GLU D 107 12.89 -29.45 -7.13
CA GLU D 107 13.61 -30.75 -7.01
C GLU D 107 13.02 -31.49 -5.80
N TYR D 108 12.85 -32.82 -5.93
CA TYR D 108 12.44 -33.74 -4.84
C TYR D 108 13.69 -34.48 -4.39
N ASP D 109 13.89 -34.57 -3.06
CA ASP D 109 15.01 -35.31 -2.43
C ASP D 109 14.53 -36.70 -1.97
N TYR D 110 15.35 -37.71 -2.26
CA TYR D 110 15.36 -39.04 -1.61
C TYR D 110 16.68 -39.18 -0.83
N TRP D 111 16.62 -39.72 0.39
CA TRP D 111 17.81 -40.00 1.26
C TRP D 111 17.81 -41.47 1.68
N GLY D 112 18.97 -42.12 1.65
CA GLY D 112 19.18 -43.44 2.27
C GLY D 112 19.26 -43.33 3.78
N GLN D 113 19.13 -44.47 4.47
CA GLN D 113 19.31 -44.60 5.95
C GLN D 113 20.70 -44.12 6.35
N GLY D 114 21.70 -44.42 5.52
CA GLY D 114 23.12 -44.05 5.72
C GLY D 114 23.92 -45.27 6.17
N THR D 115 25.16 -45.41 5.68
CA THR D 115 26.06 -46.55 5.96
C THR D 115 27.29 -46.00 6.68
N GLN D 116 27.68 -46.62 7.80
CA GLN D 116 28.84 -46.18 8.61
C GLN D 116 30.13 -46.49 7.83
N VAL D 117 31.03 -45.52 7.78
CA VAL D 117 32.43 -45.69 7.34
C VAL D 117 33.30 -45.21 8.50
N THR D 118 34.23 -46.05 8.98
CA THR D 118 35.17 -45.73 10.09
C THR D 118 36.58 -46.08 9.63
N VAL D 119 37.45 -45.07 9.53
CA VAL D 119 38.88 -45.20 9.14
C VAL D 119 39.73 -45.06 10.41
N SER D 120 40.56 -46.05 10.76
CA SER D 120 41.50 -45.99 11.92
C SER D 120 42.94 -45.78 11.43
N SER D 121 43.83 -45.25 12.28
CA SER D 121 45.29 -45.07 12.05
C SER D 121 46.08 -46.26 12.60
C1 H98 E . 3.70 -3.22 18.32
C2 H98 E . 4.75 -2.09 18.27
C3 H98 E . 5.22 -1.68 19.68
C4 H98 E . 6.48 -2.38 20.14
C5 H98 E . 7.74 -1.95 19.72
C6 H98 E . 8.90 -2.59 20.13
C7 H98 E . 8.81 -3.69 20.98
C8 H98 E . 7.56 -4.13 21.42
C9 H98 E . 6.42 -3.47 20.99
O1 H98 E . 9.93 -4.37 21.40
C10 H98 E . 10.96 -4.70 20.46
N1 H98 E . 4.25 -0.91 17.53
C11 H98 E . 3.95 -1.16 16.12
C12 H98 E . 4.01 0.09 15.26
C13 H98 E . 3.61 -0.26 13.82
C14 H98 E . 4.41 -1.12 13.07
C15 H98 E . 4.07 -1.45 11.76
C16 H98 E . 2.91 -0.91 11.18
C17 H98 E . 2.10 -0.07 11.94
C18 H98 E . 2.46 0.24 13.25
O2 H98 E . 2.62 -1.25 9.91
N2 H98 E . 4.83 -2.32 10.94
C19 H98 E . 6.03 -2.83 11.17
O3 H98 E . 6.44 -3.89 10.71
O4 H98 E . 3.21 1.11 15.86
NA NA F . 5.75 -13.94 23.89
C9 2CV G . -8.71 -5.85 0.37
C12 2CV G . -7.23 -6.08 0.11
C15 2CV G . -6.56 -6.93 1.18
C18 2CV G . -5.10 -7.28 0.95
C21 2CV G . -4.10 -6.28 1.51
C24 2CV G . -2.74 -6.35 0.84
C27 2CV G . -2.12 -7.71 0.87
C30 2CV G . -1.61 -8.09 2.24
N33 2CV G . -0.29 -7.94 2.53
O34 2CV G . -2.44 -8.50 3.07
C35 2CV G . 0.79 -7.74 1.54
C36 2CV G . 0.13 -7.86 3.95
C37 2CV G . 0.43 -9.20 4.62
C40 2CV G . 1.68 -9.97 4.20
C41 2CV G . 2.29 -10.85 5.29
C42 2CV G . 3.50 -11.66 4.79
C43 2CV G . 3.98 -12.65 5.83
O44 2CV G . 5.09 -13.42 5.38
O47 2CV G . -0.71 -10.05 4.42
O49 2CV G . 2.67 -9.07 3.76
O51 2CV G . 1.28 -11.72 5.75
O53 2CV G . 4.54 -10.76 4.44
C60 2CV G . 1.07 -8.98 0.71
O63 2CV G . 2.19 -9.69 1.22
C1 2CV G . -9.30 -4.53 -0.02
C0 2CV G . -10.59 -4.25 0.70
C9 2CV H . -4.74 3.75 0.11
C12 2CV H . -5.86 4.51 0.79
C15 2CV H . -7.01 4.87 -0.12
C18 2CV H . -7.97 3.73 -0.47
C21 2CV H . -8.90 4.07 -1.62
C24 2CV H . -10.16 3.21 -1.77
C27 2CV H . -11.10 3.79 -2.82
C30 2CV H . -12.51 3.24 -2.93
N33 2CV H . -13.24 3.58 -4.02
O34 2CV H . -12.98 2.56 -2.00
C35 2CV H . -13.08 4.91 -4.66
C36 2CV H . -14.18 2.61 -4.64
C37 2CV H . -15.43 3.19 -5.32
C40 2CV H . -16.59 2.22 -5.59
C41 2CV H . -17.79 2.80 -6.35
C42 2CV H . -18.60 3.85 -5.57
C43 2CV H . -19.36 3.30 -4.37
O44 2CV H . -20.57 4.01 -4.13
O47 2CV H . -15.06 3.72 -6.59
O49 2CV H . -17.01 1.68 -4.35
O51 2CV H . -18.64 1.74 -6.78
O53 2CV H . -19.51 4.44 -6.48
C60 2CV H . -12.06 5.00 -5.79
O63 2CV H . -12.11 3.89 -6.66
C1 2CV H . -3.62 3.34 1.04
C0 2CV H . -3.01 1.98 0.75
C9 2CV I . -10.45 -1.81 17.91
C12 2CV I . -11.26 -1.11 16.84
C15 2CV I . -12.27 -0.15 17.38
C18 2CV I . -12.86 0.77 16.35
C21 2CV I . -13.87 0.13 15.41
C24 2CV I . -14.71 1.11 14.61
C27 2CV I . -13.90 1.96 13.68
C30 2CV I . -14.59 3.20 13.18
N33 2CV I . -15.70 3.09 12.40
O34 2CV I . -14.12 4.30 13.49
C35 2CV I . -15.98 1.98 11.47
C36 2CV I . -16.72 4.14 12.49
C37 2CV I . -16.29 5.54 12.01
C40 2CV I . -17.38 6.42 11.38
C41 2CV I . -17.93 6.11 9.99
C42 2CV I . -19.08 7.02 9.53
C43 2CV I . -19.95 7.61 10.62
O44 2CV I . -21.08 8.29 10.07
O47 2CV I . -15.19 5.46 11.10
O49 2CV I . -16.86 7.74 11.31
O51 2CV I . -18.36 4.74 9.87
O53 2CV I . -19.91 6.23 8.68
C60 2CV I . -16.15 2.41 10.03
O63 2CV I . -15.75 1.39 9.13
C9 2CV J . 5.77 27.54 4.76
C12 2CV J . 6.38 26.19 5.10
C15 2CV J . 6.46 25.18 3.95
C18 2CV J . 7.62 24.19 4.06
C21 2CV J . 7.32 22.72 3.82
C24 2CV J . 7.82 21.82 4.95
C27 2CV J . 7.36 20.38 4.89
C30 2CV J . 8.26 19.50 4.06
N33 2CV J . 8.85 18.38 4.57
O34 2CV J . 8.41 19.83 2.88
C35 2CV J . 8.94 17.97 6.00
C36 2CV J . 9.40 17.43 3.59
C37 2CV J . 8.33 16.61 2.89
C40 2CV J . 8.82 15.36 2.17
C41 2CV J . 9.33 14.20 3.04
C42 2CV J . 10.01 13.07 2.27
C43 2CV J . 10.48 11.93 3.15
O44 2CV J . 11.04 10.90 2.35
O47 2CV J . 7.72 17.46 1.92
O49 2CV J . 9.83 15.80 1.28
O51 2CV J . 8.19 13.71 3.73
O53 2CV J . 11.15 13.52 1.55
C60 2CV J . 10.19 17.21 6.42
O63 2CV J . 10.43 17.22 7.82
C1 2CV J . 6.72 28.63 4.26
C0 2CV J . 6.13 30.05 4.21
C9 2CV K . -0.74 -1.02 -4.47
C12 2CV K . -0.25 -2.41 -4.15
C15 2CV K . 0.82 -2.41 -3.11
C18 2CV K . 1.76 -3.59 -3.11
C21 2CV K . 3.09 -3.24 -2.50
C24 2CV K . 3.68 -4.36 -1.67
C27 2CV K . 4.01 -5.49 -2.52
C30 2CV K . 4.79 -6.50 -1.72
N33 2CV K . 6.15 -6.39 -1.67
O34 2CV K . 4.17 -7.38 -1.12
C35 2CV K . 6.89 -5.11 -1.80
C36 2CV K . 6.87 -7.65 -1.46
C37 2CV K . 7.12 -7.97 0.01
C40 2CV K . 8.01 -9.18 0.21
C41 2CV K . 9.48 -9.04 -0.21
C42 2CV K . 10.38 -10.14 0.34
C43 2CV K . 10.06 -11.50 -0.23
O44 2CV K . 11.13 -12.41 -0.05
O47 2CV K . 5.89 -8.18 0.70
O49 2CV K . 7.42 -10.26 -0.52
O51 2CV K . 9.96 -7.77 0.21
O53 2CV K . 10.29 -10.22 1.77
C60 2CV K . 8.38 -5.22 -2.04
O63 2CV K . 9.05 -5.73 -0.90
C1 2CV K . 0.13 -0.25 -5.45
C0 2CV K . -0.27 1.21 -5.62
C1 H98 L . -5.40 -1.23 -20.83
C2 H98 L . -6.08 -2.53 -21.21
C3 H98 L . -7.50 -2.62 -20.63
C4 H98 L . -8.54 -1.99 -21.53
C5 H98 L . -9.12 -0.77 -21.24
C6 H98 L . -10.06 -0.18 -22.08
C7 H98 L . -10.42 -0.83 -23.26
C8 H98 L . -9.85 -2.05 -23.58
C9 H98 L . -8.91 -2.61 -22.72
O1 H98 L . -11.36 -0.21 -24.05
C10 H98 L . -11.21 -0.15 -25.47
N1 H98 L . -5.27 -3.71 -20.82
C11 H98 L . -3.90 -3.76 -21.34
C12 H98 L . -3.42 -5.18 -21.60
C13 H98 L . -1.97 -5.15 -22.07
C14 H98 L . -1.69 -4.70 -23.35
C15 H98 L . -0.38 -4.66 -23.83
C16 H98 L . 0.68 -5.04 -22.99
C17 H98 L . 0.40 -5.49 -21.70
C18 H98 L . -0.91 -5.54 -21.26
O2 H98 L . 1.93 -4.97 -23.48
N2 H98 L . -0.05 -4.23 -25.14
C19 H98 L . -0.86 -3.73 -26.07
O3 H98 L . -0.52 -2.99 -26.97
O4 H98 L . -3.63 -5.95 -20.42
NA NA M . -9.84 10.09 -22.07
C9 2CV N . 3.07 -21.05 -30.66
C12 2CV N . 3.18 -22.40 -29.99
C15 2CV N . 2.53 -22.47 -28.63
C18 2CV N . 2.65 -23.83 -27.96
C21 2CV N . 1.51 -24.17 -27.03
C24 2CV N . 1.17 -25.65 -26.95
C27 2CV N . 0.74 -26.08 -25.58
C30 2CV N . 0.78 -27.58 -25.37
N33 2CV N . 1.96 -28.25 -25.38
O34 2CV N . -0.30 -28.15 -25.17
C35 2CV N . 3.32 -27.63 -25.43
C36 2CV N . 1.91 -29.72 -25.39
C37 2CV N . 1.63 -30.34 -24.02
C40 2CV N . 1.70 -31.86 -23.99
C41 2CV N . 1.25 -32.53 -22.69
C42 2CV N . 1.36 -34.06 -22.71
C43 2CV N . 0.41 -34.74 -23.68
O44 2CV N . -0.95 -34.32 -23.48
O47 2CV N . 0.36 -29.89 -23.53
O49 2CV N . 3.05 -32.21 -24.25
O51 2CV N . -0.09 -32.16 -22.40
O53 2CV N . 1.12 -34.55 -21.39
C60 2CV N . 4.37 -28.25 -24.52
O63 2CV N . 5.19 -29.20 -25.20
C1 2CV N . 1.79 -20.80 -31.43
C0 2CV N . 1.94 -19.72 -32.47
C9 2CV O . 5.48 -3.31 -7.31
C12 2CV O . 6.62 -2.36 -7.00
C15 2CV O . 7.99 -2.87 -7.38
C18 2CV O . 8.47 -4.04 -6.58
C21 2CV O . 9.64 -4.74 -7.22
C24 2CV O . 10.71 -5.20 -6.25
C27 2CV O . 10.30 -6.39 -5.51
C30 2CV O . 11.43 -6.92 -4.65
N33 2CV O . 11.37 -8.19 -4.21
O34 2CV O . 12.37 -6.18 -4.36
C35 2CV O . 10.10 -8.91 -4.05
C36 2CV O . 12.62 -8.94 -3.94
C37 2CV O . 13.43 -8.49 -2.72
C40 2CV O . 13.94 -9.66 -1.87
C41 2CV O . 14.58 -9.43 -0.49
C42 2CV O . 14.95 -10.74 0.24
C43 2CV O . 13.76 -11.47 0.83
O44 2CV O . 14.08 -12.43 1.83
O47 2CV O . 12.71 -7.58 -1.88
O49 2CV O . 14.89 -10.33 -2.71
O51 2CV O . 13.70 -8.65 0.32
O53 2CV O . 15.95 -10.47 1.23
C60 2CV O . 9.70 -9.69 -5.28
O63 2CV O . 10.60 -10.76 -5.48
C1 2CV O . 4.13 -2.67 -7.11
C0 2CV O . 3.68 -1.81 -8.26
C9 2CV P . 14.48 -1.33 -9.88
C12 2CV P . 13.21 -0.69 -9.34
C15 2CV P . 12.01 -0.79 -10.26
C18 2CV P . 10.78 -0.21 -9.65
C21 2CV P . 9.57 -0.14 -10.55
C24 2CV P . 8.40 0.57 -9.89
C27 2CV P . 7.26 0.85 -10.80
C30 2CV P . 6.29 1.87 -10.24
N33 2CV P . 6.49 3.20 -10.43
O34 2CV P . 5.33 1.45 -9.60
C35 2CV P . 7.60 3.78 -11.21
C36 2CV P . 5.57 4.19 -9.83
C37 2CV P . 4.33 4.45 -10.69
C40 2CV P . 3.55 5.78 -10.50
C41 2CV P . 4.37 7.08 -10.61
C42 2CV P . 3.63 8.34 -10.10
C43 2CV P . 2.78 9.04 -11.15
O44 2CV P . 2.97 10.46 -11.13
O47 2CV P . 3.42 3.36 -10.47
O49 2CV P . 2.88 5.72 -9.26
O51 2CV P . 4.78 7.19 -11.97
O53 2CV P . 4.61 9.23 -9.57
C60 2CV P . 7.24 3.97 -12.67
O63 2CV P . 6.66 5.24 -12.90
C1 2CV P . 15.18 -0.57 -10.98
C0 2CV P . 16.42 -1.25 -11.54
#